data_6B0U
#
_entry.id   6B0U
#
_cell.length_a   109.902
_cell.length_b   175.866
_cell.length_c   85.129
_cell.angle_alpha   90.00
_cell.angle_beta   120.49
_cell.angle_gamma   90.00
#
_symmetry.space_group_name_H-M   'C 1 2 1'
#
loop_
_entity.id
_entity.type
_entity.pdbx_description
1 polymer 'N-acetyltransferase Eis'
2 polymer 'Synthetic peptide ATKAPAKKA'
3 non-polymer 'COENZYME A'
#
loop_
_entity_poly.entity_id
_entity_poly.type
_entity_poly.pdbx_seq_one_letter_code
_entity_poly.pdbx_strand_id
1 'polypeptide(L)'
;MGSSHHHHHHSSGLVPRGSHMLQSDSMTVTLCSPTEDDWPGMFLLAAASFTDFIGPESATAWRTLVPTDGAVVVRDGAGP
GSEVVGMALYMDLRLTVPGEVVLPTAGLSFVAVAPTHRRRGLLRAMCAELHRRIADSGYPVAALHASEGGIYGRFGYGPA
TTLHELTVDRRFARFHADAPGGGLGGSSVRLVRPTEHRGEFEAIYERWRQQVPGGLLRPQVLWDELLAECKAAPGGDRES
FALLHPDGYALYRVDRTDLKLARVSELRAVTADAHCALWRALIGLDSMERISIITHPQDPLPHLLTDTRLARTTWRQDGL
WLRIMNVPAALEARGYAHEVGEFSTVLEVSDGGRFALKIGDGRARCTPTDAAAEIEMDRDVLGSLYLGAHRASTLAAANR
LRTKDSQLLRRLDAAFASDVPVQTAFEF
;
A,B,C
2 'polypeptide(L)' ATKAPAKKA D,E
#
# COMPACT_ATOMS: atom_id res chain seq x y z
N THR A 30 28.10 -35.74 37.30
CA THR A 30 28.88 -34.87 38.25
C THR A 30 28.68 -33.39 37.94
N LEU A 31 28.63 -32.55 38.98
CA LEU A 31 28.42 -31.10 38.86
C LEU A 31 29.69 -30.37 39.29
N CYS A 32 30.18 -29.44 38.45
CA CYS A 32 31.39 -28.67 38.77
C CYS A 32 31.57 -27.38 37.96
N SER A 33 32.52 -26.56 38.41
CA SER A 33 32.93 -25.34 37.71
C SER A 33 33.66 -25.70 36.42
N PRO A 34 33.29 -25.04 35.30
CA PRO A 34 33.90 -25.38 34.04
C PRO A 34 35.35 -24.88 33.93
N THR A 35 36.20 -25.68 33.31
CA THR A 35 37.55 -25.26 32.94
C THR A 35 37.46 -24.53 31.61
N GLU A 36 38.61 -24.08 31.09
CA GLU A 36 38.65 -23.45 29.77
C GLU A 36 38.15 -24.40 28.68
N ASP A 37 38.49 -25.68 28.80
CA ASP A 37 38.12 -26.71 27.82
C ASP A 37 36.61 -26.92 27.68
N ASP A 38 35.86 -26.66 28.76
CA ASP A 38 34.39 -26.85 28.77
C ASP A 38 33.59 -25.80 27.97
N TRP A 39 34.21 -24.68 27.61
CA TRP A 39 33.50 -23.59 26.90
C TRP A 39 33.01 -23.92 25.49
N PRO A 40 33.88 -24.54 24.65
CA PRO A 40 33.39 -25.06 23.38
C PRO A 40 32.08 -25.84 23.51
N GLY A 41 32.05 -26.80 24.44
CA GLY A 41 30.86 -27.60 24.69
C GLY A 41 29.64 -26.77 25.09
N MET A 42 29.85 -25.83 26.01
CA MET A 42 28.79 -24.93 26.50
C MET A 42 28.13 -24.15 25.37
N PHE A 43 28.95 -23.63 24.44
CA PHE A 43 28.45 -22.87 23.30
C PHE A 43 27.57 -23.72 22.37
N LEU A 44 27.86 -25.02 22.25
CA LEU A 44 27.03 -25.95 21.46
C LEU A 44 25.65 -26.08 22.09
N LEU A 45 25.62 -26.39 23.38
CA LEU A 45 24.39 -26.46 24.15
C LEU A 45 23.57 -25.16 24.02
N ALA A 46 24.26 -24.03 24.17
CA ALA A 46 23.65 -22.69 23.98
C ALA A 46 22.99 -22.58 22.63
N ALA A 47 23.77 -22.83 21.57
CA ALA A 47 23.30 -22.77 20.18
C ALA A 47 22.07 -23.65 19.91
N ALA A 48 22.04 -24.82 20.54
CA ALA A 48 20.89 -25.74 20.44
C ALA A 48 19.69 -25.32 21.31
N SER A 49 19.94 -24.59 22.39
CA SER A 49 18.90 -24.19 23.34
C SER A 49 18.29 -22.81 23.07
N PHE A 50 19.15 -21.85 22.71
CA PHE A 50 18.73 -20.45 22.52
C PHE A 50 18.76 -20.04 21.04
N THR A 51 17.59 -19.76 20.47
CA THR A 51 17.49 -19.32 19.08
C THR A 51 18.12 -17.94 18.86
N ASP A 52 18.05 -17.07 19.88
CA ASP A 52 18.70 -15.74 19.87
C ASP A 52 20.12 -15.75 20.48
N PHE A 53 20.87 -16.83 20.26
CA PHE A 53 22.19 -16.98 20.84
C PHE A 53 23.18 -16.06 20.13
N ILE A 54 23.53 -14.97 20.81
CA ILE A 54 24.49 -13.96 20.32
C ILE A 54 25.73 -14.47 19.54
N GLY A 55 26.25 -15.65 19.93
CA GLY A 55 27.33 -16.32 19.19
C GLY A 55 28.62 -16.45 20.00
N PRO A 56 29.53 -17.38 19.60
CA PRO A 56 30.76 -17.66 20.35
C PRO A 56 31.64 -16.44 20.66
N GLU A 57 31.86 -15.57 19.68
CA GLU A 57 32.74 -14.41 19.83
C GLU A 57 32.10 -13.32 20.70
N SER A 58 30.81 -13.06 20.49
CA SER A 58 30.05 -12.12 21.31
C SER A 58 30.00 -12.56 22.77
N ALA A 59 29.64 -13.82 22.99
CA ALA A 59 29.53 -14.39 24.33
C ALA A 59 30.81 -14.28 25.16
N THR A 60 31.97 -14.33 24.50
CA THR A 60 33.28 -14.12 25.14
C THR A 60 33.40 -12.74 25.81
N ALA A 61 32.74 -11.73 25.24
CA ALA A 61 32.66 -10.40 25.85
C ALA A 61 31.84 -10.43 27.15
N TRP A 62 30.66 -11.04 27.10
CA TRP A 62 29.79 -11.17 28.28
C TRP A 62 30.40 -12.07 29.37
N ARG A 63 31.25 -13.01 28.98
CA ARG A 63 31.94 -13.92 29.92
C ARG A 63 32.99 -13.22 30.81
N THR A 64 33.36 -11.97 30.49
CA THR A 64 34.20 -11.16 31.38
C THR A 64 33.41 -10.67 32.60
N LEU A 65 32.08 -10.53 32.46
CA LEU A 65 31.20 -10.16 33.58
C LEU A 65 30.93 -11.29 34.58
N VAL A 66 31.21 -12.54 34.21
CA VAL A 66 31.04 -13.68 35.11
C VAL A 66 32.25 -13.77 36.06
N PRO A 67 32.01 -13.74 37.39
CA PRO A 67 33.14 -13.80 38.34
C PRO A 67 33.69 -15.21 38.51
N THR A 68 34.87 -15.32 39.12
CA THR A 68 35.52 -16.60 39.39
C THR A 68 34.53 -17.52 40.09
N ASP A 69 34.35 -18.72 39.54
CA ASP A 69 33.37 -19.69 40.05
C ASP A 69 31.95 -19.07 40.13
N GLY A 70 31.55 -18.40 39.04
CA GLY A 70 30.19 -17.88 38.86
C GLY A 70 29.42 -18.63 37.78
N ALA A 71 29.90 -19.81 37.41
CA ALA A 71 29.29 -20.63 36.36
C ALA A 71 29.47 -22.12 36.70
N VAL A 72 28.45 -22.92 36.41
CA VAL A 72 28.47 -24.37 36.68
C VAL A 72 28.09 -25.16 35.44
N VAL A 73 28.71 -26.32 35.29
CA VAL A 73 28.38 -27.26 34.21
C VAL A 73 28.13 -28.64 34.79
N VAL A 74 27.35 -29.42 34.05
CA VAL A 74 27.08 -30.81 34.34
C VAL A 74 27.57 -31.60 33.15
N ARG A 75 28.62 -32.41 33.35
CA ARG A 75 29.14 -33.30 32.30
C ARG A 75 28.48 -34.66 32.37
N ASP A 76 28.48 -35.37 31.24
CA ASP A 76 27.86 -36.69 31.12
C ASP A 76 28.81 -37.79 31.62
N GLY A 77 28.85 -37.96 32.94
CA GLY A 77 29.72 -38.93 33.61
C GLY A 77 31.14 -38.41 33.75
N SER A 82 34.12 -36.56 28.24
CA SER A 82 32.66 -36.55 28.19
C SER A 82 32.09 -35.16 27.88
N GLU A 83 30.91 -35.14 27.25
CA GLU A 83 30.27 -33.90 26.78
C GLU A 83 29.39 -33.22 27.85
N VAL A 84 29.28 -31.90 27.77
CA VAL A 84 28.46 -31.10 28.69
C VAL A 84 26.97 -31.22 28.35
N VAL A 85 26.14 -31.43 29.38
CA VAL A 85 24.69 -31.63 29.20
C VAL A 85 23.78 -30.69 30.01
N GLY A 86 24.38 -29.70 30.68
CA GLY A 86 23.62 -28.72 31.46
C GLY A 86 24.54 -27.62 31.96
N MET A 87 24.03 -26.39 32.03
CA MET A 87 24.84 -25.26 32.46
C MET A 87 24.00 -24.12 33.03
N ALA A 88 24.68 -23.21 33.72
CA ALA A 88 24.07 -22.03 34.32
C ALA A 88 25.18 -21.12 34.83
N LEU A 89 24.88 -19.82 34.93
CA LEU A 89 25.85 -18.86 35.44
C LEU A 89 25.19 -17.55 35.85
N TYR A 90 25.86 -16.79 36.70
CA TYR A 90 25.43 -15.43 37.03
C TYR A 90 26.55 -14.45 36.70
N MET A 91 26.16 -13.24 36.34
CA MET A 91 27.09 -12.16 36.06
C MET A 91 27.01 -11.14 37.18
N ASP A 92 28.07 -10.34 37.30
CA ASP A 92 28.18 -9.32 38.34
C ASP A 92 27.59 -8.00 37.86
N LEU A 93 26.31 -7.79 38.17
CA LEU A 93 25.59 -6.58 37.78
C LEU A 93 25.41 -5.62 38.95
N ARG A 94 24.95 -4.41 38.65
CA ARG A 94 24.64 -3.38 39.64
C ARG A 94 23.25 -2.81 39.38
N LEU A 95 22.27 -3.31 40.13
CA LEU A 95 20.86 -2.90 40.00
C LEU A 95 20.57 -1.66 40.86
N THR A 96 19.98 -0.64 40.24
CA THR A 96 19.49 0.52 40.97
C THR A 96 18.11 0.18 41.52
N VAL A 97 17.88 0.50 42.80
CA VAL A 97 16.60 0.25 43.49
C VAL A 97 16.04 1.59 43.97
N PRO A 98 14.76 1.64 44.41
CA PRO A 98 14.18 2.95 44.78
C PRO A 98 14.96 3.74 45.85
N GLY A 99 14.81 5.06 45.82
CA GLY A 99 15.66 5.95 46.61
C GLY A 99 17.08 6.04 46.04
N GLU A 100 17.22 5.77 44.73
CA GLU A 100 18.48 5.89 44.00
C GLU A 100 19.67 5.10 44.57
N VAL A 101 19.39 4.00 45.26
CA VAL A 101 20.43 3.17 45.88
C VAL A 101 20.78 2.03 44.93
N VAL A 102 22.06 1.65 44.93
CA VAL A 102 22.58 0.71 43.95
C VAL A 102 23.09 -0.55 44.67
N LEU A 103 22.37 -1.66 44.51
CA LEU A 103 22.75 -2.97 45.05
C LEU A 103 23.56 -3.80 44.07
N PRO A 104 24.57 -4.54 44.56
CA PRO A 104 25.13 -5.62 43.75
C PRO A 104 24.08 -6.68 43.46
N THR A 105 24.06 -7.20 42.23
CA THR A 105 23.05 -8.18 41.82
C THR A 105 23.70 -9.26 40.98
N ALA A 106 23.41 -10.52 41.33
CA ALA A 106 23.81 -11.67 40.53
C ALA A 106 22.81 -11.87 39.38
N GLY A 107 23.26 -11.59 38.16
CA GLY A 107 22.41 -11.73 36.97
C GLY A 107 22.39 -13.13 36.41
N LEU A 108 21.43 -13.96 36.84
CA LEU A 108 21.29 -15.33 36.31
C LEU A 108 21.10 -15.33 34.80
N SER A 109 21.89 -16.14 34.11
CA SER A 109 21.82 -16.23 32.66
C SER A 109 22.43 -17.51 32.13
N PHE A 110 22.16 -17.79 30.85
CA PHE A 110 22.82 -18.87 30.10
C PHE A 110 22.44 -20.23 30.67
N VAL A 111 21.22 -20.34 31.20
CA VAL A 111 20.79 -21.52 31.90
C VAL A 111 20.10 -22.46 30.91
N ALA A 112 20.64 -23.67 30.76
CA ALA A 112 20.09 -24.65 29.84
C ALA A 112 20.36 -26.07 30.30
N VAL A 113 19.50 -26.99 29.87
CA VAL A 113 19.65 -28.43 30.10
C VAL A 113 19.37 -29.10 28.77
N ALA A 114 20.25 -30.01 28.36
CA ALA A 114 20.13 -30.70 27.06
C ALA A 114 18.84 -31.52 26.98
N PRO A 115 18.22 -31.59 25.78
CA PRO A 115 16.99 -32.38 25.61
C PRO A 115 17.18 -33.87 25.94
N THR A 116 18.39 -34.38 25.79
CA THR A 116 18.74 -35.74 26.17
C THR A 116 18.75 -36.00 27.70
N HIS A 117 19.08 -34.98 28.50
CA HIS A 117 19.16 -35.11 29.97
C HIS A 117 18.11 -34.28 30.72
N ARG A 118 16.92 -34.21 30.13
CA ARG A 118 15.81 -33.39 30.61
C ARG A 118 15.08 -34.13 31.74
N ARG A 119 14.30 -33.41 32.56
CA ARG A 119 13.51 -33.99 33.67
C ARG A 119 14.28 -35.00 34.53
N ARG A 120 15.54 -34.66 34.85
CA ARG A 120 16.46 -35.56 35.56
C ARG A 120 17.04 -35.00 36.88
N GLY A 121 16.59 -33.81 37.28
CA GLY A 121 17.13 -33.12 38.47
C GLY A 121 18.29 -32.14 38.22
N LEU A 122 18.62 -31.89 36.95
CA LEU A 122 19.81 -31.11 36.60
C LEU A 122 19.65 -29.61 36.85
N LEU A 123 18.48 -29.06 36.53
CA LEU A 123 18.17 -27.64 36.79
C LEU A 123 18.11 -27.32 38.29
N ARG A 124 17.47 -28.21 39.05
CA ARG A 124 17.32 -28.06 40.50
C ARG A 124 18.68 -28.05 41.21
N ALA A 125 19.53 -29.02 40.87
CA ALA A 125 20.91 -29.10 41.36
C ALA A 125 21.78 -27.92 40.93
N MET A 126 21.57 -27.43 39.71
CA MET A 126 22.30 -26.27 39.20
C MET A 126 21.82 -24.93 39.75
N CYS A 127 20.50 -24.78 39.96
CA CYS A 127 19.94 -23.51 40.46
C CYS A 127 20.14 -23.33 41.96
N ALA A 128 20.10 -24.42 42.73
CA ALA A 128 20.82 -24.48 44.01
C ALA A 128 22.28 -24.46 43.62
N GLU A 129 23.21 -24.48 44.57
CA GLU A 129 24.64 -24.37 44.25
C GLU A 129 25.02 -22.97 43.76
N LEU A 130 24.48 -22.54 42.61
CA LEU A 130 24.65 -21.14 42.19
C LEU A 130 24.09 -20.19 43.24
N HIS A 131 22.89 -20.48 43.75
CA HIS A 131 22.33 -19.69 44.84
C HIS A 131 23.16 -19.79 46.13
N ARG A 132 23.77 -20.94 46.36
CA ARG A 132 24.77 -21.10 47.44
C ARG A 132 25.96 -20.16 47.21
N ARG A 133 26.48 -20.14 45.98
CA ARG A 133 27.59 -19.26 45.61
C ARG A 133 27.23 -17.77 45.59
N ILE A 134 26.00 -17.46 45.20
CA ILE A 134 25.49 -16.09 45.19
C ILE A 134 25.37 -15.58 46.61
N ALA A 135 24.76 -16.38 47.48
CA ALA A 135 24.60 -16.05 48.90
C ALA A 135 25.94 -15.96 49.65
N ASP A 136 26.89 -16.84 49.33
CA ASP A 136 28.24 -16.82 49.93
C ASP A 136 29.06 -15.60 49.54
N SER A 137 28.83 -15.07 48.34
CA SER A 137 29.53 -13.86 47.87
C SER A 137 28.90 -12.54 48.35
N GLY A 138 27.79 -12.62 49.07
CA GLY A 138 27.18 -11.47 49.72
C GLY A 138 26.29 -10.60 48.85
N TYR A 139 25.74 -11.19 47.79
CA TYR A 139 24.76 -10.51 46.94
C TYR A 139 23.41 -10.43 47.66
N PRO A 140 22.94 -9.21 47.98
CA PRO A 140 21.59 -9.13 48.58
C PRO A 140 20.46 -9.60 47.66
N VAL A 141 20.62 -9.41 46.34
CA VAL A 141 19.64 -9.86 45.35
C VAL A 141 20.25 -10.61 44.18
N ALA A 142 19.40 -11.38 43.50
CA ALA A 142 19.73 -12.04 42.25
C ALA A 142 18.57 -11.85 41.30
N ALA A 143 18.90 -11.69 40.03
CA ALA A 143 17.92 -11.33 39.02
C ALA A 143 18.09 -12.07 37.68
N LEU A 144 17.01 -12.16 36.91
CA LEU A 144 17.03 -12.80 35.58
C LEU A 144 15.95 -12.27 34.65
N HIS A 145 16.09 -12.62 33.37
CA HIS A 145 15.03 -12.49 32.37
C HIS A 145 14.59 -13.89 31.94
N ALA A 146 13.27 -14.09 31.83
CA ALA A 146 12.65 -15.42 31.69
C ALA A 146 12.36 -15.81 30.23
N SER A 147 12.60 -17.07 29.89
CA SER A 147 12.23 -17.64 28.58
C SER A 147 10.82 -18.23 28.58
N GLU A 148 10.41 -18.76 29.74
CA GLU A 148 9.00 -19.08 30.02
C GLU A 148 8.67 -18.60 31.45
N GLY A 149 7.47 -18.04 31.64
CA GLY A 149 7.05 -17.54 32.95
C GLY A 149 6.68 -18.56 34.03
N GLY A 150 6.63 -19.85 33.67
CA GLY A 150 6.23 -20.93 34.61
C GLY A 150 7.33 -21.77 35.21
N ILE A 151 8.59 -21.47 34.86
CA ILE A 151 9.76 -22.23 35.33
C ILE A 151 10.36 -21.63 36.62
N TYR A 152 10.27 -20.31 36.76
CA TYR A 152 11.11 -19.54 37.71
C TYR A 152 10.47 -19.27 39.09
N GLY A 153 9.15 -19.26 39.17
CA GLY A 153 8.43 -19.05 40.44
C GLY A 153 8.83 -19.96 41.59
N ARG A 154 9.04 -21.25 41.28
CA ARG A 154 9.45 -22.24 42.29
C ARG A 154 10.83 -21.97 42.92
N PHE A 155 11.73 -21.35 42.17
CA PHE A 155 13.09 -21.03 42.66
C PHE A 155 13.18 -19.69 43.38
N GLY A 156 12.02 -19.06 43.64
CA GLY A 156 11.95 -17.84 44.43
C GLY A 156 12.10 -16.56 43.64
N TYR A 157 11.89 -16.62 42.33
CA TYR A 157 11.94 -15.46 41.43
C TYR A 157 10.52 -14.98 41.10
N GLY A 158 10.27 -13.70 41.37
CA GLY A 158 8.98 -13.06 41.08
C GLY A 158 9.16 -11.97 40.04
N PRO A 159 8.13 -11.72 39.20
CA PRO A 159 8.20 -10.63 38.21
C PRO A 159 8.32 -9.24 38.86
N ALA A 160 9.43 -8.55 38.60
CA ALA A 160 9.76 -7.27 39.27
C ALA A 160 9.51 -6.00 38.43
N THR A 161 9.58 -6.12 37.10
CA THR A 161 9.24 -5.03 36.17
C THR A 161 8.29 -5.52 35.10
N THR A 162 7.60 -4.58 34.47
CA THR A 162 6.67 -4.87 33.40
C THR A 162 7.18 -4.23 32.12
N LEU A 163 7.23 -5.03 31.05
CA LEU A 163 7.45 -4.53 29.68
C LEU A 163 6.10 -4.21 29.07
N HIS A 164 6.12 -3.24 28.16
CA HIS A 164 4.91 -2.57 27.74
C HIS A 164 5.19 -1.96 26.36
N GLU A 165 4.79 -2.66 25.31
CA GLU A 165 5.01 -2.16 23.94
C GLU A 165 3.93 -1.15 23.56
N LEU A 166 4.34 0.08 23.29
CA LEU A 166 3.47 1.09 22.71
C LEU A 166 3.77 1.20 21.23
N THR A 167 2.70 1.22 20.42
CA THR A 167 2.79 1.41 18.98
C THR A 167 1.96 2.65 18.63
N VAL A 168 2.60 3.65 18.01
CA VAL A 168 1.94 4.90 17.64
C VAL A 168 1.77 5.00 16.13
N ASP A 169 0.53 5.20 15.67
CA ASP A 169 0.30 5.62 14.28
C ASP A 169 0.64 7.10 14.20
N ARG A 170 1.80 7.39 13.61
CA ARG A 170 2.37 8.75 13.61
C ARG A 170 1.79 9.71 12.57
N ARG A 171 0.92 9.21 11.70
CA ARG A 171 0.22 10.06 10.74
C ARG A 171 -0.84 10.90 11.44
N PHE A 172 -1.48 10.33 12.46
CA PHE A 172 -2.50 11.03 13.26
C PHE A 172 -1.98 11.73 14.52
N ALA A 173 -0.80 11.33 14.99
CA ALA A 173 -0.23 11.84 16.25
C ALA A 173 0.03 13.34 16.20
N ARG A 174 -0.88 14.10 16.81
CA ARG A 174 -0.71 15.54 17.02
C ARG A 174 -0.52 15.78 18.52
N PHE A 175 0.49 16.58 18.87
CA PHE A 175 0.83 16.82 20.27
C PHE A 175 -0.14 17.75 20.99
N HIS A 176 -0.18 17.64 22.32
CA HIS A 176 -1.06 18.46 23.15
C HIS A 176 -0.46 19.86 23.22
N ALA A 177 -1.31 20.88 23.34
CA ALA A 177 -0.84 22.24 23.58
C ALA A 177 0.09 22.28 24.81
N ASP A 178 -0.31 21.56 25.86
CA ASP A 178 0.44 21.47 27.12
C ASP A 178 1.80 20.77 27.04
N ALA A 179 2.07 20.02 25.96
CA ALA A 179 3.36 19.35 25.78
C ALA A 179 4.51 20.36 25.62
N PRO A 180 5.70 20.08 26.20
CA PRO A 180 6.85 21.00 26.07
C PRO A 180 7.35 21.22 24.62
N GLY A 181 7.68 22.47 24.29
CA GLY A 181 8.25 22.83 22.98
C GLY A 181 7.24 22.90 21.84
N GLY A 182 6.16 23.64 22.07
CA GLY A 182 5.09 23.80 21.08
C GLY A 182 5.43 24.85 20.05
N GLY A 186 14.65 26.83 16.99
CA GLY A 186 15.56 25.71 16.72
C GLY A 186 15.24 24.47 17.53
N SER A 187 15.58 23.31 16.99
CA SER A 187 15.43 22.01 17.68
C SER A 187 16.78 21.56 18.23
N SER A 188 16.79 21.09 19.47
CA SER A 188 18.00 20.59 20.15
C SER A 188 18.33 19.12 19.85
N VAL A 189 17.38 18.39 19.26
CA VAL A 189 17.59 16.98 18.86
C VAL A 189 18.38 16.91 17.55
N ARG A 190 19.24 15.91 17.44
CA ARG A 190 20.08 15.71 16.26
C ARG A 190 19.95 14.28 15.74
N LEU A 191 19.99 14.11 14.42
CA LEU A 191 19.95 12.79 13.79
C LEU A 191 21.37 12.40 13.44
N VAL A 192 21.89 11.35 14.07
CA VAL A 192 23.31 10.98 13.91
C VAL A 192 23.51 9.47 13.76
N ARG A 193 24.71 9.10 13.31
CA ARG A 193 25.13 7.71 13.26
C ARG A 193 25.52 7.28 14.68
N PRO A 194 24.86 6.23 15.23
CA PRO A 194 25.11 5.85 16.62
C PRO A 194 26.58 5.58 16.99
N THR A 195 27.32 4.93 16.08
CA THR A 195 28.73 4.58 16.33
C THR A 195 29.63 5.80 16.48
N GLU A 196 29.32 6.88 15.76
CA GLU A 196 30.10 8.13 15.85
C GLU A 196 29.93 8.90 17.18
N HIS A 197 28.89 8.58 17.96
CA HIS A 197 28.58 9.29 19.21
C HIS A 197 28.38 8.31 20.38
N ARG A 198 29.40 7.48 20.62
CA ARG A 198 29.37 6.50 21.71
C ARG A 198 29.37 7.18 23.06
N GLY A 199 30.38 8.01 23.30
CA GLY A 199 30.63 8.65 24.58
C GLY A 199 29.48 9.46 25.13
N GLU A 200 28.74 10.12 24.24
CA GLU A 200 27.54 10.88 24.64
C GLU A 200 26.42 9.96 25.14
N PHE A 201 26.24 8.80 24.49
CA PHE A 201 25.25 7.80 24.95
C PHE A 201 25.59 7.18 26.31
N GLU A 202 26.88 7.01 26.59
CA GLU A 202 27.34 6.48 27.88
C GLU A 202 26.99 7.45 29.01
N ALA A 203 27.42 8.70 28.86
CA ALA A 203 27.15 9.77 29.83
C ALA A 203 25.66 9.93 30.12
N ILE A 204 24.84 9.88 29.07
CA ILE A 204 23.38 9.97 29.18
C ILE A 204 22.81 8.75 29.92
N TYR A 205 23.24 7.55 29.53
CA TYR A 205 22.77 6.31 30.15
C TYR A 205 23.23 6.19 31.61
N GLU A 206 24.46 6.60 31.88
CA GLU A 206 25.00 6.57 33.24
C GLU A 206 24.15 7.42 34.19
N ARG A 207 23.77 8.60 33.72
CA ARG A 207 22.80 9.46 34.42
C ARG A 207 21.47 8.75 34.63
N TRP A 208 20.96 8.15 33.55
CA TRP A 208 19.67 7.49 33.54
C TRP A 208 19.55 6.38 34.57
N ARG A 209 20.46 5.42 34.50
CA ARG A 209 20.40 4.22 35.34
C ARG A 209 20.49 4.52 36.85
N GLN A 210 21.27 5.54 37.21
CA GLN A 210 21.45 5.94 38.61
C GLN A 210 20.20 6.53 39.23
N GLN A 211 19.33 7.16 38.43
CA GLN A 211 18.13 7.79 38.97
C GLN A 211 16.85 6.94 38.86
N VAL A 212 16.84 5.96 37.96
CA VAL A 212 15.65 5.17 37.65
C VAL A 212 15.71 3.78 38.29
N PRO A 213 14.68 3.40 39.08
CA PRO A 213 14.68 2.06 39.68
C PRO A 213 14.52 0.96 38.64
N GLY A 214 15.41 -0.03 38.70
CA GLY A 214 15.51 -1.07 37.70
C GLY A 214 16.66 -0.87 36.74
N GLY A 215 17.34 0.27 36.87
CA GLY A 215 18.51 0.58 36.06
C GLY A 215 19.69 -0.33 36.36
N LEU A 216 20.47 -0.62 35.34
CA LEU A 216 21.66 -1.46 35.48
C LEU A 216 22.88 -0.72 34.95
N LEU A 217 24.02 -0.93 35.60
CA LEU A 217 25.30 -0.44 35.11
C LEU A 217 25.57 -1.15 33.79
N ARG A 218 25.95 -0.38 32.76
CA ARG A 218 26.33 -0.96 31.49
C ARG A 218 27.85 -0.84 31.28
N PRO A 219 28.62 -1.90 31.61
CA PRO A 219 30.07 -1.85 31.46
C PRO A 219 30.54 -1.69 30.01
N GLN A 220 31.82 -1.37 29.83
CA GLN A 220 32.37 -1.05 28.51
C GLN A 220 32.14 -2.15 27.49
N VAL A 221 32.30 -3.41 27.89
CA VAL A 221 32.10 -4.56 26.98
C VAL A 221 30.68 -4.64 26.40
N LEU A 222 29.67 -4.16 27.14
CA LEU A 222 28.29 -4.16 26.62
C LEU A 222 28.03 -3.04 25.61
N TRP A 223 28.68 -1.89 25.79
CA TRP A 223 28.66 -0.83 24.77
C TRP A 223 29.36 -1.27 23.48
N ASP A 224 30.51 -1.96 23.62
CA ASP A 224 31.21 -2.55 22.47
C ASP A 224 30.23 -3.35 21.61
N GLU A 225 29.50 -4.25 22.26
CA GLU A 225 28.51 -5.09 21.61
C GLU A 225 27.29 -4.34 21.09
N LEU A 226 26.80 -3.34 21.83
CA LEU A 226 25.64 -2.56 21.39
C LEU A 226 25.91 -1.73 20.13
N LEU A 227 27.07 -1.07 20.08
CA LEU A 227 27.47 -0.29 18.89
C LEU A 227 27.82 -1.20 17.69
N ALA A 228 28.24 -2.42 17.96
CA ALA A 228 28.45 -3.44 16.92
C ALA A 228 27.12 -3.92 16.29
N GLU A 229 26.03 -3.92 17.07
CA GLU A 229 24.68 -4.23 16.55
C GLU A 229 24.15 -3.15 15.61
N CYS A 230 24.59 -1.90 15.80
CA CYS A 230 24.12 -0.76 14.99
C CYS A 230 24.47 -0.87 13.50
N LYS A 231 25.58 -1.53 13.17
CA LYS A 231 26.03 -1.67 11.77
C LYS A 231 25.03 -2.50 10.94
N ALA A 232 24.96 -2.21 9.63
CA ALA A 232 24.05 -2.92 8.72
C ALA A 232 24.49 -4.37 8.50
N ALA A 233 23.62 -5.32 8.89
CA ALA A 233 23.91 -6.77 8.78
C ALA A 233 23.67 -7.28 7.34
N PRO A 234 24.40 -8.34 6.92
CA PRO A 234 24.27 -8.82 5.54
C PRO A 234 22.97 -9.60 5.29
N GLY A 235 21.97 -8.90 4.75
CA GLY A 235 20.67 -9.50 4.42
C GLY A 235 19.82 -9.89 5.61
N GLY A 236 19.81 -9.05 6.64
CA GLY A 236 19.07 -9.31 7.87
C GLY A 236 18.48 -8.02 8.42
N ASP A 237 19.04 -7.54 9.54
CA ASP A 237 18.63 -6.25 10.10
C ASP A 237 19.14 -5.10 9.21
N ARG A 238 18.38 -4.00 9.19
CA ARG A 238 18.73 -2.80 8.42
C ARG A 238 19.71 -1.96 9.25
N GLU A 239 20.08 -0.78 8.75
CA GLU A 239 20.98 0.13 9.51
C GLU A 239 20.23 0.87 10.63
N SER A 240 20.86 0.97 11.80
CA SER A 240 20.31 1.72 12.94
C SER A 240 20.65 3.21 12.85
N PHE A 241 19.68 4.05 13.20
CA PHE A 241 19.90 5.49 13.36
C PHE A 241 19.67 5.89 14.81
N ALA A 242 20.18 7.08 15.16
CA ALA A 242 20.07 7.63 16.51
C ALA A 242 19.50 9.03 16.46
N LEU A 243 18.61 9.32 17.40
CA LEU A 243 18.20 10.69 17.69
C LEU A 243 18.88 11.07 19.01
N LEU A 244 19.76 12.08 18.96
CA LEU A 244 20.57 12.52 20.13
C LEU A 244 20.17 13.89 20.69
N HIS A 245 19.98 13.94 22.01
CA HIS A 245 19.68 15.15 22.78
C HIS A 245 20.71 15.24 23.92
N PRO A 246 20.95 16.45 24.48
CA PRO A 246 21.89 16.49 25.61
C PRO A 246 21.44 15.68 26.85
N ASP A 247 20.14 15.70 27.13
CA ASP A 247 19.54 14.95 28.24
C ASP A 247 18.96 13.58 27.84
N GLY A 248 19.16 13.14 26.61
CA GLY A 248 18.57 11.88 26.17
C GLY A 248 18.90 11.42 24.77
N TYR A 249 18.49 10.20 24.44
CA TYR A 249 18.64 9.68 23.10
C TYR A 249 17.67 8.55 22.79
N ALA A 250 17.43 8.33 21.50
CA ALA A 250 16.66 7.19 21.00
C ALA A 250 17.48 6.42 19.98
N LEU A 251 17.58 5.09 20.15
CA LEU A 251 18.12 4.18 19.13
C LEU A 251 16.95 3.51 18.44
N TYR A 252 16.95 3.53 17.11
CA TYR A 252 15.85 2.95 16.34
C TYR A 252 16.31 2.44 14.98
N ARG A 253 15.44 1.67 14.34
CA ARG A 253 15.68 1.19 12.99
C ARG A 253 14.35 0.75 12.37
N VAL A 254 14.31 0.75 11.04
CA VAL A 254 13.14 0.31 10.29
C VAL A 254 13.07 -1.22 10.36
N ASP A 255 11.85 -1.75 10.53
CA ASP A 255 11.64 -3.20 10.65
C ASP A 255 11.87 -3.88 9.31
N ARG A 256 12.42 -5.10 9.34
CA ARG A 256 12.83 -5.79 8.11
C ARG A 256 11.64 -6.21 7.23
N THR A 257 10.57 -6.71 7.85
CA THR A 257 9.37 -7.14 7.12
C THR A 257 8.43 -5.96 6.85
N ASP A 258 8.06 -5.24 7.90
CA ASP A 258 7.21 -4.06 7.79
C ASP A 258 8.09 -2.82 7.57
N LEU A 259 8.18 -2.37 6.32
CA LEU A 259 9.01 -1.20 5.98
C LEU A 259 8.44 0.14 6.49
N LYS A 260 7.14 0.19 6.76
CA LYS A 260 6.50 1.39 7.29
C LYS A 260 6.51 1.50 8.84
N LEU A 261 7.16 0.54 9.51
CA LEU A 261 7.30 0.54 10.97
C LEU A 261 8.73 0.90 11.35
N ALA A 262 8.87 1.76 12.37
CA ALA A 262 10.17 2.05 12.98
C ALA A 262 10.23 1.48 14.39
N ARG A 263 11.03 0.43 14.60
CA ARG A 263 11.21 -0.16 15.93
C ARG A 263 12.27 0.61 16.70
N VAL A 264 11.82 1.36 17.72
CA VAL A 264 12.71 2.03 18.66
C VAL A 264 13.17 0.98 19.66
N SER A 265 14.45 0.62 19.58
CA SER A 265 15.00 -0.42 20.44
C SER A 265 15.27 0.07 21.86
N GLU A 266 15.54 1.37 22.00
CA GLU A 266 16.05 1.94 23.26
C GLU A 266 15.91 3.47 23.32
N LEU A 267 15.07 3.95 24.23
CA LEU A 267 14.88 5.39 24.47
C LEU A 267 15.32 5.65 25.91
N ARG A 268 16.40 6.41 26.08
CA ARG A 268 16.89 6.82 27.40
C ARG A 268 16.69 8.33 27.60
N ALA A 269 15.83 8.71 28.54
CA ALA A 269 15.49 10.13 28.79
C ALA A 269 15.65 10.50 30.27
N VAL A 270 16.49 11.50 30.55
CA VAL A 270 16.80 11.96 31.91
C VAL A 270 15.87 13.11 32.33
N THR A 271 15.46 13.95 31.38
CA THR A 271 14.47 15.00 31.62
C THR A 271 13.21 14.75 30.80
N ALA A 272 12.12 15.38 31.22
CA ALA A 272 10.86 15.34 30.46
C ALA A 272 11.00 16.08 29.12
N ASP A 273 11.79 17.15 29.10
CA ASP A 273 12.13 17.88 27.86
C ASP A 273 12.70 16.95 26.79
N ALA A 274 13.70 16.16 27.17
CA ALA A 274 14.32 15.17 26.28
C ALA A 274 13.33 14.15 25.76
N HIS A 275 12.52 13.62 26.69
CA HIS A 275 11.50 12.63 26.35
C HIS A 275 10.54 13.17 25.30
N CYS A 276 10.01 14.37 25.53
CA CYS A 276 9.10 14.99 24.58
C CYS A 276 9.79 15.28 23.26
N ALA A 277 10.94 15.92 23.32
CA ALA A 277 11.71 16.31 22.13
C ALA A 277 12.10 15.11 21.26
N LEU A 278 12.48 14.00 21.91
CA LEU A 278 12.83 12.78 21.18
C LEU A 278 11.63 12.18 20.44
N TRP A 279 10.46 12.19 21.08
CA TRP A 279 9.22 11.70 20.44
C TRP A 279 8.66 12.64 19.36
N ARG A 280 8.81 13.94 19.54
CA ARG A 280 8.56 14.93 18.48
C ARG A 280 9.34 14.60 17.20
N ALA A 281 10.64 14.31 17.38
CA ALA A 281 11.51 13.89 16.31
C ALA A 281 11.06 12.55 15.70
N LEU A 282 10.87 11.54 16.54
CA LEU A 282 10.39 10.22 16.07
C LEU A 282 9.09 10.30 15.26
N ILE A 283 8.13 11.09 15.73
CA ILE A 283 6.87 11.31 15.02
C ILE A 283 7.05 12.18 13.76
N GLY A 284 8.17 12.92 13.69
CA GLY A 284 8.58 13.60 12.46
C GLY A 284 9.14 12.75 11.34
N LEU A 285 9.36 11.45 11.58
CA LEU A 285 9.79 10.51 10.52
C LEU A 285 8.65 10.32 9.51
N ASP A 286 8.61 11.18 8.49
CA ASP A 286 7.50 11.21 7.52
C ASP A 286 7.43 9.94 6.65
N SER A 287 8.54 9.20 6.57
CA SER A 287 8.59 7.90 5.89
C SER A 287 7.66 6.86 6.50
N MET A 288 7.61 6.80 7.83
CA MET A 288 6.93 5.72 8.56
C MET A 288 5.44 5.96 8.76
N GLU A 289 4.71 4.88 8.94
CA GLU A 289 3.32 4.92 9.39
C GLU A 289 3.25 4.73 10.90
N ARG A 290 4.06 3.81 11.41
CA ARG A 290 4.03 3.42 12.82
C ARG A 290 5.41 3.48 13.47
N ILE A 291 5.40 3.90 14.74
CA ILE A 291 6.58 3.88 15.62
C ILE A 291 6.22 2.97 16.82
N SER A 292 7.04 1.94 17.06
CA SER A 292 6.84 1.05 18.20
C SER A 292 8.04 1.08 19.14
N ILE A 293 7.78 0.86 20.42
CA ILE A 293 8.81 0.86 21.47
C ILE A 293 8.40 -0.10 22.57
N ILE A 294 9.40 -0.75 23.18
CA ILE A 294 9.20 -1.58 24.38
C ILE A 294 9.64 -0.72 25.56
N THR A 295 8.67 -0.22 26.32
CA THR A 295 8.90 0.73 27.41
C THR A 295 8.15 0.25 28.69
N HIS A 296 7.87 1.16 29.62
CA HIS A 296 7.26 0.82 30.93
C HIS A 296 5.82 1.34 31.08
N PRO A 297 4.99 0.74 31.96
CA PRO A 297 3.56 1.09 32.07
C PRO A 297 3.22 2.57 32.34
N GLN A 298 4.15 3.30 32.97
CA GLN A 298 3.98 4.71 33.27
C GLN A 298 4.72 5.65 32.30
N ASP A 299 5.08 5.17 31.10
CA ASP A 299 5.66 6.03 30.07
C ASP A 299 4.63 7.12 29.76
N PRO A 300 5.02 8.41 29.86
CA PRO A 300 4.05 9.49 29.69
C PRO A 300 3.63 9.85 28.25
N LEU A 301 4.07 9.10 27.25
CA LEU A 301 3.79 9.40 25.83
C LEU A 301 2.31 9.56 25.45
N PRO A 302 1.39 8.73 26.00
CA PRO A 302 -0.03 8.93 25.65
C PRO A 302 -0.57 10.31 26.06
N HIS A 303 -0.07 10.84 27.17
CA HIS A 303 -0.49 12.13 27.69
C HIS A 303 0.15 13.31 26.95
N LEU A 304 1.26 13.06 26.26
CA LEU A 304 1.89 14.03 25.34
C LEU A 304 1.06 14.36 24.10
N LEU A 305 0.18 13.44 23.69
CA LEU A 305 -0.64 13.61 22.49
C LEU A 305 -2.04 14.13 22.81
N THR A 306 -2.72 14.63 21.77
CA THR A 306 -4.10 15.10 21.90
C THR A 306 -5.02 13.93 22.15
N ASP A 307 -4.91 12.92 21.28
CA ASP A 307 -5.61 11.65 21.41
C ASP A 307 -4.73 10.69 22.20
N THR A 308 -5.14 10.37 23.43
CA THR A 308 -4.41 9.39 24.26
C THR A 308 -4.39 8.00 23.61
N ARG A 309 -5.46 7.67 22.91
CA ARG A 309 -5.64 6.34 22.33
C ARG A 309 -4.70 6.03 21.16
N LEU A 310 -4.16 7.06 20.50
CA LEU A 310 -3.21 6.86 19.37
C LEU A 310 -1.91 6.14 19.72
N ALA A 311 -1.53 6.14 21.00
CA ALA A 311 -0.40 5.36 21.50
C ALA A 311 -0.89 4.03 22.05
N ARG A 312 -1.36 3.15 21.14
CA ARG A 312 -1.94 1.84 21.50
C ARG A 312 -0.92 0.93 22.20
N THR A 313 -1.32 0.36 23.34
CA THR A 313 -0.54 -0.67 24.00
C THR A 313 -0.83 -2.01 23.32
N THR A 314 0.17 -2.53 22.62
CA THR A 314 0.03 -3.72 21.77
C THR A 314 0.49 -5.02 22.42
N TRP A 315 1.33 -4.93 23.47
CA TRP A 315 1.98 -6.11 24.05
C TRP A 315 2.46 -5.84 25.48
N ARG A 316 2.01 -6.66 26.41
CA ARG A 316 2.44 -6.60 27.82
C ARG A 316 3.16 -7.89 28.18
N GLN A 317 4.25 -7.79 28.92
CA GLN A 317 4.95 -8.97 29.42
C GLN A 317 5.88 -8.63 30.60
N ASP A 318 6.11 -9.61 31.47
CA ASP A 318 7.07 -9.46 32.59
C ASP A 318 8.51 -9.31 32.08
N GLY A 319 9.21 -8.33 32.63
CA GLY A 319 10.58 -8.00 32.21
C GLY A 319 11.62 -8.61 33.12
N LEU A 320 11.97 -7.89 34.18
CA LEU A 320 13.04 -8.30 35.10
C LEU A 320 12.45 -9.10 36.25
N TRP A 321 13.07 -10.23 36.59
CA TRP A 321 12.63 -11.09 37.69
C TRP A 321 13.63 -11.02 38.84
N LEU A 322 13.14 -10.89 40.07
CA LEU A 322 13.99 -10.77 41.28
C LEU A 322 13.81 -11.91 42.28
N ARG A 323 14.93 -12.44 42.78
CA ARG A 323 14.96 -13.32 43.95
C ARG A 323 15.75 -12.60 45.04
N ILE A 324 15.07 -12.19 46.11
CA ILE A 324 15.74 -11.54 47.25
C ILE A 324 16.55 -12.62 47.97
N MET A 325 17.87 -12.45 48.05
CA MET A 325 18.76 -13.42 48.70
C MET A 325 18.82 -13.17 50.21
N ASN A 326 19.18 -11.93 50.58
CA ASN A 326 19.32 -11.50 51.97
C ASN A 326 18.20 -10.51 52.22
N VAL A 327 17.16 -10.95 52.95
CA VAL A 327 15.92 -10.18 53.11
C VAL A 327 16.11 -8.85 53.88
N PRO A 328 16.77 -8.88 55.05
CA PRO A 328 16.98 -7.61 55.74
C PRO A 328 17.94 -6.66 55.02
N ALA A 329 19.02 -7.17 54.44
CA ALA A 329 19.94 -6.33 53.65
C ALA A 329 19.24 -5.66 52.47
N ALA A 330 18.37 -6.39 51.79
CA ALA A 330 17.63 -5.86 50.64
C ALA A 330 16.60 -4.82 51.04
N LEU A 331 15.82 -5.12 52.08
CA LEU A 331 14.76 -4.21 52.51
C LEU A 331 15.30 -2.93 53.15
N GLU A 332 16.35 -3.05 53.98
CA GLU A 332 16.99 -1.89 54.64
C GLU A 332 17.60 -0.92 53.62
N ALA A 333 18.24 -1.48 52.59
CA ALA A 333 18.93 -0.69 51.55
C ALA A 333 17.97 0.09 50.66
N ARG A 334 16.76 -0.42 50.50
CA ARG A 334 15.73 0.20 49.68
C ARG A 334 15.16 1.45 50.34
N GLY A 335 14.76 2.42 49.53
CA GLY A 335 14.02 3.59 50.02
C GLY A 335 12.51 3.33 50.12
N TYR A 336 11.83 4.08 50.97
CA TYR A 336 10.37 3.94 51.15
C TYR A 336 9.69 5.30 51.18
N ALA A 337 8.37 5.28 51.03
CA ALA A 337 7.58 6.51 50.97
C ALA A 337 7.56 7.22 52.33
N HIS A 338 7.91 8.52 52.33
CA HIS A 338 7.77 9.39 53.50
C HIS A 338 6.29 9.55 53.87
N GLU A 339 5.45 9.63 52.84
CA GLU A 339 4.02 9.97 52.98
C GLU A 339 3.29 9.06 53.98
N VAL A 340 3.46 7.74 53.84
CA VAL A 340 2.87 6.77 54.79
C VAL A 340 3.44 6.91 56.22
N GLY A 341 2.60 6.67 57.23
CA GLY A 341 3.01 6.79 58.63
C GLY A 341 3.95 5.69 59.10
N GLU A 342 4.49 5.85 60.31
CA GLU A 342 5.38 4.84 60.89
C GLU A 342 4.57 3.61 61.28
N PHE A 343 5.10 2.43 61.00
CA PHE A 343 4.44 1.17 61.38
C PHE A 343 5.41 -0.02 61.48
N SER A 344 5.07 -0.95 62.39
CA SER A 344 5.87 -2.13 62.68
C SER A 344 5.09 -3.42 62.41
N THR A 345 5.83 -4.47 62.02
CA THR A 345 5.25 -5.78 61.75
C THR A 345 6.32 -6.89 61.73
N VAL A 346 5.85 -8.12 61.52
CA VAL A 346 6.71 -9.29 61.41
C VAL A 346 6.32 -10.06 60.14
N LEU A 347 7.31 -10.28 59.28
CA LEU A 347 7.13 -10.81 57.93
C LEU A 347 7.77 -12.19 57.85
N GLU A 348 7.04 -13.18 57.34
CA GLU A 348 7.60 -14.53 57.13
C GLU A 348 7.78 -14.83 55.65
N VAL A 349 8.98 -15.26 55.28
CA VAL A 349 9.28 -15.84 53.96
C VAL A 349 9.15 -17.36 54.10
N SER A 350 8.36 -17.98 53.23
CA SER A 350 7.83 -19.35 53.39
C SER A 350 8.79 -20.41 53.95
N ASP A 351 9.94 -20.59 53.31
CA ASP A 351 11.00 -21.46 53.86
C ASP A 351 12.28 -20.65 53.99
N GLY A 352 12.13 -19.38 54.38
CA GLY A 352 13.21 -18.40 54.33
C GLY A 352 13.27 -17.53 55.56
N GLY A 353 12.95 -18.10 56.71
CA GLY A 353 13.01 -17.39 57.97
C GLY A 353 11.87 -16.42 58.18
N ARG A 354 12.04 -15.56 59.18
CA ARG A 354 10.99 -14.68 59.66
C ARG A 354 11.64 -13.41 60.24
N PHE A 355 11.12 -12.24 59.87
CA PHE A 355 11.81 -10.95 60.08
C PHE A 355 10.92 -9.86 60.65
N ALA A 356 11.40 -9.20 61.71
CA ALA A 356 10.78 -7.98 62.23
C ALA A 356 11.04 -6.86 61.24
N LEU A 357 10.03 -6.04 61.00
CA LEU A 357 10.10 -4.95 60.04
C LEU A 357 9.42 -3.71 60.62
N LYS A 358 10.19 -2.63 60.71
CA LYS A 358 9.70 -1.33 61.16
C LYS A 358 10.04 -0.37 60.02
N ILE A 359 9.01 0.28 59.47
CA ILE A 359 9.17 1.26 58.39
C ILE A 359 8.68 2.61 58.88
N GLY A 360 9.46 3.65 58.63
CA GLY A 360 9.10 5.02 59.03
C GLY A 360 10.10 6.05 58.54
N ASP A 361 9.59 7.24 58.20
CA ASP A 361 10.40 8.33 57.63
C ASP A 361 11.19 7.88 56.39
N GLY A 362 10.53 7.06 55.56
CA GLY A 362 11.08 6.59 54.28
C GLY A 362 12.25 5.62 54.32
N ARG A 363 12.43 4.94 55.45
CA ARG A 363 13.49 3.94 55.60
C ARG A 363 13.04 2.84 56.54
N ALA A 364 13.62 1.66 56.36
CA ALA A 364 13.21 0.47 57.11
C ALA A 364 14.36 -0.12 57.89
N ARG A 365 14.04 -0.66 59.06
CA ARG A 365 14.96 -1.51 59.83
C ARG A 365 14.32 -2.90 59.84
N CYS A 366 15.09 -3.88 59.40
CA CYS A 366 14.62 -5.25 59.27
C CYS A 366 15.65 -6.17 59.90
N THR A 367 15.20 -6.97 60.88
CA THR A 367 16.06 -7.90 61.60
C THR A 367 15.39 -9.28 61.75
N PRO A 368 16.19 -10.37 61.78
CA PRO A 368 15.63 -11.71 62.03
C PRO A 368 14.92 -11.80 63.37
N THR A 369 13.94 -12.69 63.48
CA THR A 369 13.18 -12.90 64.71
C THR A 369 12.52 -14.26 64.72
N ASP A 370 12.14 -14.71 65.93
CA ASP A 370 11.30 -15.89 66.12
C ASP A 370 9.87 -15.51 66.50
N ALA A 371 9.58 -14.21 66.58
CA ALA A 371 8.25 -13.72 66.90
C ALA A 371 7.25 -14.12 65.81
N ALA A 372 5.96 -14.20 66.15
CA ALA A 372 4.92 -14.65 65.21
C ALA A 372 4.75 -13.70 64.02
N ALA A 373 4.36 -14.29 62.89
CA ALA A 373 4.20 -13.55 61.64
C ALA A 373 2.83 -12.88 61.56
N GLU A 374 2.82 -11.62 61.18
CA GLU A 374 1.59 -10.90 60.80
C GLU A 374 1.34 -10.97 59.28
N ILE A 375 2.40 -11.19 58.50
CA ILE A 375 2.32 -11.33 57.04
C ILE A 375 3.13 -12.56 56.61
N GLU A 376 2.57 -13.37 55.71
CA GLU A 376 3.26 -14.53 55.14
C GLU A 376 3.24 -14.53 53.61
N MET A 377 4.39 -14.85 53.00
CA MET A 377 4.52 -14.91 51.53
C MET A 377 5.67 -15.83 51.08
N ASP A 378 5.52 -16.42 49.90
CA ASP A 378 6.64 -17.13 49.24
C ASP A 378 7.71 -16.10 48.83
N ARG A 379 8.95 -16.56 48.73
CA ARG A 379 10.10 -15.70 48.45
C ARG A 379 9.99 -14.86 47.17
N ASP A 380 9.36 -15.45 46.14
CA ASP A 380 9.11 -14.74 44.88
C ASP A 380 8.18 -13.55 45.01
N VAL A 381 7.21 -13.65 45.93
CA VAL A 381 6.20 -12.60 46.09
C VAL A 381 6.85 -11.31 46.60
N LEU A 382 7.89 -11.44 47.42
CA LEU A 382 8.66 -10.29 47.89
C LEU A 382 9.40 -9.61 46.73
N GLY A 383 9.91 -10.42 45.81
CA GLY A 383 10.53 -9.92 44.56
C GLY A 383 9.66 -8.99 43.76
N SER A 384 8.41 -9.40 43.53
CA SER A 384 7.43 -8.60 42.78
C SER A 384 7.12 -7.28 43.46
N LEU A 385 7.02 -7.32 44.78
CA LEU A 385 6.79 -6.13 45.59
C LEU A 385 7.95 -5.14 45.57
N TYR A 386 9.18 -5.66 45.48
CA TYR A 386 10.40 -4.92 45.82
C TYR A 386 10.66 -3.64 45.03
N LEU A 387 10.49 -3.69 43.71
CA LEU A 387 10.62 -2.49 42.88
C LEU A 387 9.31 -1.72 42.75
N GLY A 388 8.21 -2.31 43.20
CA GLY A 388 6.93 -1.60 43.28
C GLY A 388 6.06 -1.74 42.06
N ALA A 389 6.33 -2.76 41.24
CA ALA A 389 5.54 -3.02 40.05
C ALA A 389 4.16 -3.52 40.44
N HIS A 390 4.14 -4.54 41.30
CA HIS A 390 2.91 -5.19 41.73
C HIS A 390 2.52 -4.78 43.15
N ARG A 391 1.24 -4.46 43.32
CA ARG A 391 0.68 -4.09 44.63
C ARG A 391 0.53 -5.33 45.51
N ALA A 392 0.68 -5.13 46.82
CA ALA A 392 0.47 -6.21 47.78
C ALA A 392 -1.00 -6.62 47.95
N SER A 393 -1.94 -5.69 47.71
CA SER A 393 -3.37 -6.02 47.71
C SER A 393 -3.77 -6.97 46.58
N THR A 394 -3.23 -6.73 45.39
CA THR A 394 -3.44 -7.62 44.24
C THR A 394 -2.89 -9.01 44.54
N LEU A 395 -1.69 -9.09 45.10
CA LEU A 395 -1.06 -10.36 45.47
C LEU A 395 -1.81 -11.08 46.60
N ALA A 396 -2.29 -10.30 47.56
CA ALA A 396 -3.10 -10.82 48.67
C ALA A 396 -4.43 -11.36 48.19
N ALA A 397 -5.08 -10.65 47.27
CA ALA A 397 -6.34 -11.09 46.64
C ALA A 397 -6.24 -12.45 45.96
N ALA A 398 -5.04 -12.78 45.48
CA ALA A 398 -4.73 -14.10 44.94
C ALA A 398 -4.27 -15.10 46.01
N ASN A 399 -4.26 -14.66 47.27
CA ASN A 399 -3.80 -15.45 48.41
C ASN A 399 -2.33 -15.88 48.29
N ARG A 400 -1.51 -15.04 47.65
CA ARG A 400 -0.08 -15.31 47.47
C ARG A 400 0.75 -14.76 48.63
N LEU A 401 0.27 -13.66 49.21
CA LEU A 401 0.71 -13.22 50.53
C LEU A 401 -0.48 -13.09 51.50
N ARG A 402 -0.40 -13.82 52.62
CA ARG A 402 -1.48 -13.88 53.61
C ARG A 402 -1.23 -12.91 54.75
N THR A 403 -2.28 -12.19 55.16
CA THR A 403 -2.24 -11.34 56.35
C THR A 403 -3.66 -11.06 56.85
N LYS A 404 -3.82 -10.97 58.17
CA LYS A 404 -5.14 -10.79 58.80
C LYS A 404 -5.55 -9.32 58.85
N ASP A 405 -4.64 -8.46 59.33
CA ASP A 405 -4.91 -7.03 59.46
C ASP A 405 -4.98 -6.37 58.07
N SER A 406 -6.16 -5.87 57.71
CA SER A 406 -6.37 -5.18 56.42
C SER A 406 -5.68 -3.82 56.37
N GLN A 407 -5.60 -3.13 57.51
CA GLN A 407 -4.86 -1.87 57.63
C GLN A 407 -3.36 -2.05 57.34
N LEU A 408 -2.80 -3.19 57.72
CA LEU A 408 -1.39 -3.53 57.43
C LEU A 408 -1.18 -3.84 55.94
N LEU A 409 -2.23 -4.31 55.27
CA LEU A 409 -2.19 -4.57 53.83
C LEU A 409 -2.08 -3.26 53.03
N ARG A 410 -2.90 -2.27 53.38
CA ARG A 410 -2.88 -0.94 52.75
C ARG A 410 -1.55 -0.20 52.94
N ARG A 411 -0.94 -0.38 54.11
CA ARG A 411 0.35 0.25 54.42
C ARG A 411 1.53 -0.35 53.65
N LEU A 412 1.44 -1.63 53.28
CA LEU A 412 2.45 -2.26 52.41
C LEU A 412 2.41 -1.69 50.98
N ASP A 413 1.19 -1.56 50.43
CA ASP A 413 1.00 -0.93 49.11
C ASP A 413 1.68 0.44 49.05
N ALA A 414 1.37 1.28 50.04
CA ALA A 414 1.90 2.64 50.11
C ALA A 414 3.42 2.67 50.32
N ALA A 415 3.90 1.82 51.22
CA ALA A 415 5.33 1.80 51.58
C ALA A 415 6.19 1.31 50.43
N PHE A 416 5.83 0.16 49.86
CA PHE A 416 6.59 -0.44 48.76
C PHE A 416 6.37 0.24 47.40
N ALA A 417 5.36 1.12 47.28
CA ALA A 417 5.19 1.95 46.08
C ALA A 417 6.45 2.77 45.81
N SER A 418 6.82 2.89 44.54
CA SER A 418 8.02 3.61 44.11
C SER A 418 7.67 5.02 43.64
N ASP A 419 8.49 5.98 44.06
CA ASP A 419 8.29 7.38 43.70
C ASP A 419 8.56 7.56 42.20
N VAL A 420 9.77 7.21 41.78
CA VAL A 420 10.13 7.18 40.36
C VAL A 420 9.56 5.88 39.77
N PRO A 421 8.81 5.97 38.64
CA PRO A 421 8.31 4.75 37.98
C PRO A 421 9.41 3.76 37.60
N VAL A 422 9.07 2.47 37.64
CA VAL A 422 10.05 1.40 37.46
C VAL A 422 10.22 1.13 35.97
N GLN A 423 11.48 0.94 35.55
CA GLN A 423 11.83 0.68 34.15
C GLN A 423 12.72 -0.54 34.05
N THR A 424 12.76 -1.13 32.86
CA THR A 424 13.60 -2.30 32.58
C THR A 424 14.79 -1.86 31.74
N ALA A 425 16.01 -2.17 32.23
CA ALA A 425 17.23 -1.60 31.63
C ALA A 425 17.59 -2.30 30.33
N PHE A 426 18.05 -3.53 30.41
CA PHE A 426 18.40 -4.32 29.24
C PHE A 426 18.39 -5.79 29.60
N GLU A 427 18.14 -6.63 28.60
CA GLU A 427 18.07 -8.07 28.79
C GLU A 427 19.48 -8.63 29.00
N PHE A 428 19.58 -9.72 29.75
CA PHE A 428 20.84 -10.41 29.99
C PHE A 428 20.63 -11.90 30.23
N VAL B 29 -31.64 -35.87 -26.15
CA VAL B 29 -31.22 -34.43 -25.99
C VAL B 29 -31.76 -33.58 -27.15
N THR B 30 -32.86 -32.89 -26.89
CA THR B 30 -33.49 -31.98 -27.85
C THR B 30 -33.66 -30.59 -27.25
N LEU B 31 -33.43 -29.58 -28.07
CA LEU B 31 -33.49 -28.18 -27.66
C LEU B 31 -34.91 -27.64 -27.89
N CYS B 32 -35.47 -26.96 -26.90
CA CYS B 32 -36.83 -26.43 -27.00
C CYS B 32 -37.15 -25.37 -25.96
N SER B 33 -38.09 -24.47 -26.29
CA SER B 33 -38.50 -23.38 -25.42
C SER B 33 -39.27 -23.91 -24.21
N PRO B 34 -38.95 -23.40 -23.00
CA PRO B 34 -39.53 -23.97 -21.78
C PRO B 34 -41.01 -23.66 -21.56
N THR B 35 -41.77 -24.65 -21.07
CA THR B 35 -43.15 -24.47 -20.62
C THR B 35 -43.11 -24.06 -19.14
N GLU B 36 -44.27 -23.74 -18.58
CA GLU B 36 -44.37 -23.28 -17.19
C GLU B 36 -43.90 -24.33 -16.18
N ASP B 37 -44.04 -25.62 -16.52
CA ASP B 37 -43.60 -26.71 -15.64
C ASP B 37 -42.06 -26.83 -15.51
N ASP B 38 -41.32 -26.35 -16.51
CA ASP B 38 -39.86 -26.45 -16.54
C ASP B 38 -39.06 -25.51 -15.63
N TRP B 39 -39.70 -24.44 -15.13
CA TRP B 39 -38.99 -23.41 -14.34
C TRP B 39 -38.47 -23.89 -12.98
N PRO B 40 -39.24 -24.70 -12.23
CA PRO B 40 -38.69 -25.35 -11.04
C PRO B 40 -37.37 -26.09 -11.26
N GLY B 41 -37.27 -26.81 -12.38
CA GLY B 41 -36.04 -27.47 -12.79
C GLY B 41 -34.91 -26.52 -13.19
N MET B 42 -35.27 -25.41 -13.83
CA MET B 42 -34.31 -24.34 -14.16
C MET B 42 -33.72 -23.72 -12.90
N PHE B 43 -34.57 -23.44 -11.90
CA PHE B 43 -34.11 -22.86 -10.64
C PHE B 43 -33.21 -23.81 -9.85
N LEU B 44 -33.43 -25.11 -9.99
CA LEU B 44 -32.52 -26.12 -9.43
C LEU B 44 -31.14 -25.99 -10.10
N LEU B 45 -31.14 -25.89 -11.43
CA LEU B 45 -29.92 -25.70 -12.20
C LEU B 45 -29.24 -24.36 -11.86
N ALA B 46 -30.05 -23.32 -11.72
CA ALA B 46 -29.55 -22.00 -11.33
C ALA B 46 -28.84 -22.07 -10.00
N ALA B 47 -29.55 -22.59 -8.99
CA ALA B 47 -29.04 -22.68 -7.62
C ALA B 47 -27.76 -23.52 -7.49
N ALA B 48 -27.65 -24.56 -8.31
CA ALA B 48 -26.44 -25.38 -8.37
C ALA B 48 -25.29 -24.68 -9.10
N SER B 49 -25.62 -23.91 -10.14
CA SER B 49 -24.61 -23.26 -11.00
C SER B 49 -24.21 -21.82 -10.63
N PHE B 50 -25.03 -21.13 -9.81
CA PHE B 50 -24.75 -19.74 -9.42
C PHE B 50 -24.81 -19.57 -7.89
N THR B 51 -23.64 -19.39 -7.27
CA THR B 51 -23.57 -19.16 -5.82
C THR B 51 -24.32 -17.90 -5.40
N ASP B 52 -24.26 -16.86 -6.24
CA ASP B 52 -24.99 -15.60 -6.00
C ASP B 52 -26.41 -15.63 -6.58
N PHE B 53 -27.10 -16.77 -6.47
CA PHE B 53 -28.41 -16.94 -7.09
C PHE B 53 -29.45 -16.17 -6.29
N ILE B 54 -29.91 -15.06 -6.87
CA ILE B 54 -30.94 -14.19 -6.28
C ILE B 54 -32.10 -14.94 -5.60
N GLY B 55 -32.51 -16.08 -6.18
CA GLY B 55 -33.54 -16.95 -5.59
C GLY B 55 -34.77 -17.06 -6.48
N PRO B 56 -35.67 -18.03 -6.19
CA PRO B 56 -36.88 -18.19 -7.00
C PRO B 56 -37.79 -16.95 -7.06
N GLU B 57 -38.04 -16.34 -5.90
CA GLU B 57 -38.95 -15.18 -5.78
C GLU B 57 -38.50 -14.02 -6.66
N SER B 58 -37.21 -13.69 -6.56
CA SER B 58 -36.60 -12.61 -7.34
C SER B 58 -36.58 -12.93 -8.83
N ALA B 59 -36.15 -14.16 -9.16
CA ALA B 59 -36.07 -14.63 -10.55
C ALA B 59 -37.40 -14.55 -11.31
N THR B 60 -38.50 -14.76 -10.59
CA THR B 60 -39.85 -14.61 -11.15
C THR B 60 -40.19 -13.15 -11.53
N ALA B 61 -39.59 -12.18 -10.82
CA ALA B 61 -39.69 -10.77 -11.18
C ALA B 61 -38.87 -10.45 -12.44
N TRP B 62 -37.57 -10.77 -12.41
CA TRP B 62 -36.68 -10.62 -13.57
C TRP B 62 -37.25 -11.29 -14.84
N ARG B 63 -37.97 -12.40 -14.65
CA ARG B 63 -38.59 -13.13 -15.76
C ARG B 63 -39.68 -12.35 -16.52
N THR B 64 -40.23 -11.27 -15.96
CA THR B 64 -41.14 -10.39 -16.71
C THR B 64 -40.43 -9.72 -17.90
N LEU B 65 -39.11 -9.50 -17.77
CA LEU B 65 -38.29 -8.92 -18.84
C LEU B 65 -37.90 -9.91 -19.97
N VAL B 66 -38.15 -11.21 -19.77
CA VAL B 66 -37.87 -12.22 -20.80
C VAL B 66 -39.07 -12.37 -21.73
N PRO B 67 -38.92 -11.96 -23.01
CA PRO B 67 -40.09 -11.97 -23.90
C PRO B 67 -40.48 -13.39 -24.34
N THR B 68 -41.61 -13.50 -25.03
CA THR B 68 -42.11 -14.78 -25.55
C THR B 68 -41.03 -15.45 -26.40
N ASP B 69 -40.72 -16.70 -26.08
CA ASP B 69 -39.61 -17.45 -26.69
C ASP B 69 -38.22 -16.80 -26.48
N GLY B 70 -38.06 -16.08 -25.37
CA GLY B 70 -36.77 -15.52 -24.99
C GLY B 70 -35.83 -16.55 -24.36
N ALA B 71 -36.39 -17.63 -23.85
CA ALA B 71 -35.62 -18.68 -23.17
C ALA B 71 -35.61 -19.99 -23.95
N VAL B 72 -34.55 -20.77 -23.76
CA VAL B 72 -34.45 -22.13 -24.26
C VAL B 72 -33.94 -23.06 -23.16
N VAL B 73 -34.40 -24.31 -23.18
CA VAL B 73 -33.91 -25.35 -22.25
C VAL B 73 -33.56 -26.63 -22.99
N VAL B 74 -32.68 -27.40 -22.36
CA VAL B 74 -32.26 -28.70 -22.87
C VAL B 74 -32.58 -29.69 -21.76
N ARG B 75 -33.33 -30.73 -22.10
CA ARG B 75 -33.66 -31.81 -21.17
C ARG B 75 -32.87 -33.08 -21.50
N ASP B 76 -32.70 -33.94 -20.49
CA ASP B 76 -32.10 -35.25 -20.68
C ASP B 76 -33.20 -36.19 -21.13
N GLY B 77 -33.23 -36.48 -22.43
CA GLY B 77 -34.30 -37.25 -23.08
C GLY B 77 -35.30 -36.34 -23.76
N SER B 82 -39.04 -35.69 -18.15
CA SER B 82 -37.65 -35.74 -17.70
C SER B 82 -37.09 -34.36 -17.29
N GLU B 83 -35.89 -34.34 -16.71
CA GLU B 83 -35.31 -33.13 -16.08
C GLU B 83 -34.46 -32.27 -17.03
N VAL B 84 -34.34 -30.99 -16.65
CA VAL B 84 -33.62 -29.96 -17.44
C VAL B 84 -32.13 -29.96 -17.07
N VAL B 85 -31.26 -30.02 -18.09
CA VAL B 85 -29.80 -30.11 -17.90
C VAL B 85 -29.00 -28.97 -18.58
N GLY B 86 -29.71 -27.98 -19.08
CA GLY B 86 -29.10 -26.84 -19.76
C GLY B 86 -30.15 -25.77 -19.96
N MET B 87 -29.76 -24.51 -19.84
CA MET B 87 -30.68 -23.40 -20.03
C MET B 87 -29.96 -22.13 -20.47
N ALA B 88 -30.72 -21.24 -21.11
CA ALA B 88 -30.25 -19.91 -21.52
C ALA B 88 -31.45 -19.04 -21.84
N LEU B 89 -31.29 -17.72 -21.72
CA LEU B 89 -32.36 -16.77 -22.05
C LEU B 89 -31.83 -15.36 -22.26
N TYR B 90 -32.70 -14.48 -22.76
CA TYR B 90 -32.39 -13.05 -22.89
C TYR B 90 -33.56 -12.17 -22.43
N MET B 91 -33.24 -10.96 -21.96
CA MET B 91 -34.22 -9.98 -21.49
C MET B 91 -34.31 -8.79 -22.43
N ASP B 92 -35.48 -8.17 -22.46
CA ASP B 92 -35.73 -6.95 -23.25
C ASP B 92 -35.16 -5.70 -22.56
N LEU B 93 -33.91 -5.38 -22.88
CA LEU B 93 -33.20 -4.23 -22.31
C LEU B 93 -33.06 -3.11 -23.31
N ARG B 94 -32.77 -1.91 -22.79
CA ARG B 94 -32.57 -0.70 -23.57
C ARG B 94 -31.22 -0.06 -23.19
N LEU B 95 -30.24 -0.19 -24.10
CA LEU B 95 -28.88 0.32 -23.87
C LEU B 95 -28.67 1.68 -24.52
N THR B 96 -28.21 2.64 -23.73
CA THR B 96 -27.79 3.94 -24.21
C THR B 96 -26.39 3.81 -24.79
N VAL B 97 -26.17 4.44 -25.94
CA VAL B 97 -24.88 4.42 -26.66
C VAL B 97 -24.50 5.87 -27.00
N PRO B 98 -23.22 6.14 -27.38
CA PRO B 98 -22.76 7.53 -27.60
C PRO B 98 -23.66 8.39 -28.50
N GLY B 99 -23.71 9.69 -28.22
CA GLY B 99 -24.70 10.58 -28.82
C GLY B 99 -26.08 10.41 -28.22
N GLU B 100 -26.14 9.90 -26.98
CA GLU B 100 -27.38 9.75 -26.22
C GLU B 100 -28.50 8.98 -26.95
N VAL B 101 -28.11 7.94 -27.69
CA VAL B 101 -29.05 7.14 -28.50
C VAL B 101 -29.33 5.80 -27.82
N VAL B 102 -30.61 5.45 -27.70
CA VAL B 102 -31.04 4.26 -26.95
C VAL B 102 -31.40 3.11 -27.90
N LEU B 103 -30.58 2.06 -27.92
CA LEU B 103 -30.82 0.87 -28.75
C LEU B 103 -31.51 -0.24 -27.98
N PRO B 104 -32.50 -0.94 -28.59
CA PRO B 104 -32.96 -2.20 -28.00
C PRO B 104 -31.80 -3.20 -27.88
N THR B 105 -31.73 -3.92 -26.76
CA THR B 105 -30.65 -4.84 -26.51
C THR B 105 -31.16 -6.14 -25.92
N ALA B 106 -30.60 -7.25 -26.40
CA ALA B 106 -30.90 -8.58 -25.89
C ALA B 106 -29.92 -8.87 -24.75
N GLY B 107 -30.43 -8.81 -23.52
CA GLY B 107 -29.61 -9.08 -22.34
C GLY B 107 -29.47 -10.56 -22.07
N LEU B 108 -28.43 -11.18 -22.60
CA LEU B 108 -28.16 -12.59 -22.35
C LEU B 108 -27.89 -12.82 -20.87
N SER B 109 -28.54 -13.84 -20.30
CA SER B 109 -28.39 -14.19 -18.89
C SER B 109 -28.93 -15.59 -18.58
N PHE B 110 -28.81 -15.98 -17.31
CA PHE B 110 -29.28 -17.27 -16.80
C PHE B 110 -28.72 -18.48 -17.55
N VAL B 111 -27.53 -18.34 -18.13
CA VAL B 111 -26.97 -19.35 -19.02
C VAL B 111 -26.23 -20.37 -18.18
N ALA B 112 -26.65 -21.64 -18.28
CA ALA B 112 -26.07 -22.70 -17.47
C ALA B 112 -26.23 -24.07 -18.12
N VAL B 113 -25.17 -24.89 -17.96
CA VAL B 113 -25.16 -26.28 -18.38
C VAL B 113 -24.92 -27.11 -17.13
N ALA B 114 -25.63 -28.24 -17.02
CA ALA B 114 -25.51 -29.10 -15.86
C ALA B 114 -24.10 -29.70 -15.83
N PRO B 115 -23.54 -29.94 -14.63
CA PRO B 115 -22.18 -30.46 -14.53
C PRO B 115 -22.03 -31.91 -15.04
N THR B 116 -23.16 -32.62 -15.08
CA THR B 116 -23.23 -33.96 -15.64
C THR B 116 -23.22 -34.01 -17.19
N HIS B 117 -23.51 -32.87 -17.85
CA HIS B 117 -23.61 -32.80 -19.32
C HIS B 117 -22.66 -31.76 -19.96
N ARG B 118 -21.46 -31.63 -19.40
CA ARG B 118 -20.46 -30.70 -19.94
C ARG B 118 -19.65 -31.31 -21.10
N ARG B 119 -18.88 -30.45 -21.77
CA ARG B 119 -18.03 -30.82 -22.92
C ARG B 119 -18.76 -31.69 -23.95
N ARG B 120 -20.05 -31.38 -24.16
CA ARG B 120 -20.96 -32.14 -25.00
C ARG B 120 -21.42 -31.42 -26.26
N GLY B 121 -21.52 -30.09 -26.21
CA GLY B 121 -22.08 -29.27 -27.31
C GLY B 121 -23.37 -28.53 -26.97
N LEU B 122 -23.80 -28.61 -25.71
CA LEU B 122 -25.09 -28.05 -25.27
C LEU B 122 -25.11 -26.53 -25.25
N LEU B 123 -24.06 -25.92 -24.71
CA LEU B 123 -23.94 -24.46 -24.68
C LEU B 123 -23.91 -23.89 -26.11
N ARG B 124 -23.12 -24.51 -26.99
CA ARG B 124 -23.03 -24.11 -28.39
C ARG B 124 -24.40 -24.13 -29.07
N ALA B 125 -25.13 -25.23 -28.88
CA ALA B 125 -26.48 -25.39 -29.42
C ALA B 125 -27.47 -24.34 -28.89
N MET B 126 -27.41 -24.07 -27.58
CA MET B 126 -28.29 -23.09 -26.94
C MET B 126 -28.00 -21.66 -27.38
N CYS B 127 -26.73 -21.25 -27.31
CA CYS B 127 -26.32 -19.89 -27.72
C CYS B 127 -26.52 -19.65 -29.23
N ALA B 128 -26.40 -20.70 -30.04
CA ALA B 128 -26.70 -20.61 -31.48
C ALA B 128 -28.18 -20.31 -31.75
N GLU B 129 -29.06 -20.92 -30.94
CA GLU B 129 -30.51 -20.73 -31.10
C GLU B 129 -30.98 -19.37 -30.64
N LEU B 130 -30.47 -18.90 -29.48
CA LEU B 130 -30.88 -17.59 -28.96
C LEU B 130 -30.49 -16.48 -29.93
N HIS B 131 -29.24 -16.48 -30.39
CA HIS B 131 -28.77 -15.52 -31.39
C HIS B 131 -29.57 -15.54 -32.70
N ARG B 132 -30.09 -16.70 -33.08
N ARG B 132 -30.09 -16.71 -33.07
CA ARG B 132 -31.00 -16.83 -34.20
CA ARG B 132 -31.01 -16.84 -34.20
C ARG B 132 -32.29 -16.03 -33.94
C ARG B 132 -32.30 -16.04 -33.94
N ARG B 133 -32.83 -16.16 -32.73
CA ARG B 133 -34.07 -15.47 -32.33
C ARG B 133 -33.91 -13.96 -32.16
N ILE B 134 -32.78 -13.57 -31.57
CA ILE B 134 -32.42 -12.17 -31.35
C ILE B 134 -32.34 -11.44 -32.70
N ALA B 135 -31.73 -12.10 -33.69
CA ALA B 135 -31.64 -11.60 -35.07
C ALA B 135 -33.00 -11.44 -35.74
N ASP B 136 -33.85 -12.45 -35.62
CA ASP B 136 -35.22 -12.39 -36.15
C ASP B 136 -36.08 -11.37 -35.41
N SER B 137 -35.79 -11.17 -34.13
CA SER B 137 -36.49 -10.17 -33.33
C SER B 137 -36.06 -8.73 -33.61
N GLY B 138 -34.95 -8.56 -34.33
CA GLY B 138 -34.51 -7.24 -34.81
C GLY B 138 -33.67 -6.42 -33.85
N TYR B 139 -33.00 -7.09 -32.91
CA TYR B 139 -32.07 -6.44 -32.00
C TYR B 139 -30.78 -6.11 -32.77
N PRO B 140 -30.32 -4.85 -32.72
CA PRO B 140 -29.01 -4.53 -33.33
C PRO B 140 -27.83 -5.11 -32.54
N VAL B 141 -27.95 -5.15 -31.21
CA VAL B 141 -26.89 -5.66 -30.32
C VAL B 141 -27.46 -6.60 -29.25
N ALA B 142 -26.61 -7.52 -28.81
CA ALA B 142 -26.87 -8.37 -27.65
C ALA B 142 -25.76 -8.10 -26.65
N ALA B 143 -26.05 -8.35 -25.38
CA ALA B 143 -25.15 -7.96 -24.29
C ALA B 143 -25.25 -8.87 -23.07
N LEU B 144 -24.15 -8.94 -22.32
CA LEU B 144 -24.09 -9.79 -21.13
C LEU B 144 -22.99 -9.36 -20.16
N HIS B 145 -23.09 -9.88 -18.93
CA HIS B 145 -22.02 -9.78 -17.93
C HIS B 145 -21.36 -11.14 -17.77
N ALA B 146 -20.03 -11.16 -17.71
CA ALA B 146 -19.27 -12.42 -17.71
C ALA B 146 -19.18 -13.07 -16.33
N SER B 147 -19.03 -14.39 -16.31
CA SER B 147 -18.56 -15.15 -15.13
C SER B 147 -17.11 -15.63 -15.31
N GLU B 148 -16.68 -15.86 -16.55
CA GLU B 148 -15.26 -15.96 -16.92
C GLU B 148 -14.99 -15.14 -18.18
N GLY B 149 -13.80 -14.56 -18.29
CA GLY B 149 -13.43 -13.76 -19.46
C GLY B 149 -12.97 -14.52 -20.70
N GLY B 150 -12.89 -15.86 -20.62
CA GLY B 150 -12.41 -16.72 -21.73
C GLY B 150 -13.45 -17.57 -22.45
N ILE B 151 -14.69 -17.56 -21.96
CA ILE B 151 -15.78 -18.33 -22.57
C ILE B 151 -16.43 -17.57 -23.74
N TYR B 152 -16.61 -16.25 -23.60
CA TYR B 152 -17.56 -15.49 -24.45
C TYR B 152 -16.99 -14.92 -25.76
N GLY B 153 -15.66 -14.88 -25.89
CA GLY B 153 -15.03 -14.38 -27.11
C GLY B 153 -15.44 -15.10 -28.38
N ARG B 154 -15.44 -16.43 -28.33
CA ARG B 154 -15.79 -17.27 -29.49
C ARG B 154 -17.28 -17.25 -29.89
N PHE B 155 -18.15 -16.69 -29.05
CA PHE B 155 -19.55 -16.43 -29.42
C PHE B 155 -19.80 -15.00 -29.87
N GLY B 156 -18.73 -14.23 -30.14
CA GLY B 156 -18.84 -12.86 -30.65
C GLY B 156 -19.01 -11.73 -29.64
N TYR B 157 -18.83 -12.03 -28.35
CA TYR B 157 -18.93 -11.02 -27.29
C TYR B 157 -17.55 -10.49 -26.90
N GLY B 158 -17.39 -9.17 -26.91
CA GLY B 158 -16.16 -8.52 -26.45
C GLY B 158 -16.44 -7.59 -25.29
N PRO B 159 -15.44 -7.41 -24.38
CA PRO B 159 -15.67 -6.52 -23.24
C PRO B 159 -15.82 -5.08 -23.70
N ALA B 160 -16.97 -4.49 -23.42
CA ALA B 160 -17.33 -3.16 -23.92
C ALA B 160 -17.10 -2.03 -22.91
N THR B 161 -17.45 -2.28 -21.64
CA THR B 161 -17.18 -1.34 -20.53
C THR B 161 -16.10 -1.91 -19.62
N THR B 162 -15.63 -1.07 -18.70
CA THR B 162 -14.59 -1.43 -17.74
C THR B 162 -15.02 -1.01 -16.33
N LEU B 163 -15.01 -1.96 -15.39
CA LEU B 163 -15.27 -1.70 -13.97
C LEU B 163 -13.98 -1.38 -13.22
N HIS B 164 -14.08 -0.43 -12.29
CA HIS B 164 -12.94 0.26 -11.71
C HIS B 164 -13.24 0.56 -10.24
N GLU B 165 -12.63 -0.19 -9.31
CA GLU B 165 -12.85 0.05 -7.88
C GLU B 165 -11.85 1.03 -7.28
N LEU B 166 -12.33 2.22 -6.90
CA LEU B 166 -11.56 3.17 -6.10
C LEU B 166 -11.80 2.94 -4.62
N THR B 167 -10.77 3.17 -3.80
CA THR B 167 -10.85 3.04 -2.34
C THR B 167 -10.16 4.23 -1.66
N VAL B 168 -10.97 5.18 -1.18
CA VAL B 168 -10.48 6.41 -0.53
C VAL B 168 -10.36 6.19 0.98
N ASP B 169 -9.15 6.33 1.52
CA ASP B 169 -8.95 6.37 2.97
C ASP B 169 -9.40 7.75 3.45
N ARG B 170 -10.65 7.86 3.89
CA ARG B 170 -11.29 9.16 4.18
C ARG B 170 -10.76 9.94 5.38
N ARG B 171 -9.91 9.30 6.19
CA ARG B 171 -9.23 9.99 7.28
C ARG B 171 -8.26 11.02 6.73
N PHE B 172 -7.53 10.66 5.68
CA PHE B 172 -6.56 11.55 5.01
C PHE B 172 -7.14 12.41 3.88
N ALA B 173 -8.39 12.17 3.49
CA ALA B 173 -9.01 12.84 2.34
C ALA B 173 -9.32 14.30 2.66
N ARG B 174 -8.74 15.19 1.84
CA ARG B 174 -8.98 16.63 1.92
C ARG B 174 -9.24 17.13 0.50
N PHE B 175 -10.28 17.93 0.34
CA PHE B 175 -10.69 18.40 -0.99
C PHE B 175 -9.83 19.56 -1.49
N HIS B 176 -9.62 19.60 -2.80
CA HIS B 176 -8.86 20.65 -3.47
C HIS B 176 -9.63 21.97 -3.39
N ALA B 177 -8.91 23.08 -3.39
CA ALA B 177 -9.53 24.42 -3.35
C ALA B 177 -10.49 24.63 -4.54
N ASP B 178 -10.11 24.10 -5.70
CA ASP B 178 -10.91 24.21 -6.93
C ASP B 178 -12.22 23.41 -6.95
N ALA B 179 -12.36 22.43 -6.04
CA ALA B 179 -13.53 21.54 -6.05
C ALA B 179 -14.85 22.26 -5.69
N PRO B 180 -15.96 21.97 -6.43
CA PRO B 180 -17.23 22.71 -6.22
C PRO B 180 -17.85 22.58 -4.82
N GLY B 181 -18.45 23.67 -4.33
CA GLY B 181 -19.17 23.69 -3.06
C GLY B 181 -18.30 23.63 -1.82
N GLY B 182 -17.17 24.33 -1.85
CA GLY B 182 -16.22 24.34 -0.74
C GLY B 182 -16.67 25.25 0.38
N GLY B 185 -22.19 27.82 4.33
CA GLY B 185 -23.64 27.71 4.18
C GLY B 185 -24.13 26.27 4.27
N GLY B 186 -25.44 26.09 4.15
CA GLY B 186 -26.08 24.77 4.27
C GLY B 186 -25.84 23.87 3.07
N SER B 187 -25.50 22.60 3.32
CA SER B 187 -25.28 21.61 2.26
C SER B 187 -26.62 21.10 1.73
N SER B 188 -26.66 20.83 0.42
CA SER B 188 -27.89 20.37 -0.25
C SER B 188 -28.11 18.86 -0.16
N VAL B 189 -27.13 18.10 0.35
CA VAL B 189 -27.25 16.64 0.50
C VAL B 189 -27.99 16.29 1.79
N ARG B 190 -28.83 15.25 1.71
CA ARG B 190 -29.57 14.73 2.87
C ARG B 190 -29.34 13.24 3.06
N LEU B 191 -29.22 12.82 4.31
CA LEU B 191 -29.14 11.40 4.67
C LEU B 191 -30.58 10.89 4.82
N VAL B 192 -30.93 9.82 4.11
CA VAL B 192 -32.30 9.29 4.10
C VAL B 192 -32.35 7.77 4.08
N ARG B 193 -33.50 7.22 4.47
CA ARG B 193 -33.77 5.80 4.28
C ARG B 193 -34.13 5.56 2.81
N PRO B 194 -33.44 4.61 2.12
CA PRO B 194 -33.67 4.41 0.69
C PRO B 194 -35.12 4.12 0.27
N THR B 195 -35.82 3.28 1.04
CA THR B 195 -37.19 2.90 0.74
C THR B 195 -38.19 4.07 0.85
N GLU B 196 -37.88 5.07 1.68
CA GLU B 196 -38.76 6.24 1.89
C GLU B 196 -38.80 7.25 0.73
N HIS B 197 -37.84 7.18 -0.19
CA HIS B 197 -37.71 8.14 -1.29
C HIS B 197 -37.45 7.44 -2.63
N ARG B 198 -38.40 6.59 -3.02
CA ARG B 198 -38.28 5.78 -4.24
C ARG B 198 -38.34 6.65 -5.49
N GLY B 199 -39.38 7.46 -5.59
CA GLY B 199 -39.59 8.36 -6.72
C GLY B 199 -38.38 9.20 -7.09
N GLU B 200 -37.68 9.70 -6.08
CA GLU B 200 -36.51 10.56 -6.30
C GLU B 200 -35.33 9.82 -6.93
N PHE B 201 -35.11 8.57 -6.53
CA PHE B 201 -34.06 7.75 -7.16
C PHE B 201 -34.39 7.30 -8.58
N GLU B 202 -35.68 7.17 -8.92
CA GLU B 202 -36.10 6.78 -10.27
C GLU B 202 -35.88 7.91 -11.26
N ALA B 203 -36.31 9.11 -10.86
CA ALA B 203 -36.14 10.33 -11.66
C ALA B 203 -34.67 10.65 -11.92
N ILE B 204 -33.82 10.49 -10.92
CA ILE B 204 -32.38 10.74 -11.06
C ILE B 204 -31.74 9.70 -11.97
N TYR B 205 -32.04 8.43 -11.73
CA TYR B 205 -31.50 7.34 -12.55
C TYR B 205 -31.98 7.40 -14.01
N GLU B 206 -33.26 7.70 -14.22
CA GLU B 206 -33.83 7.84 -15.57
C GLU B 206 -33.10 8.92 -16.38
N ARG B 207 -32.80 10.03 -15.71
CA ARG B 207 -31.97 11.08 -16.29
C ARG B 207 -30.54 10.64 -16.51
N TRP B 208 -29.96 9.96 -15.53
CA TRP B 208 -28.58 9.49 -15.61
C TRP B 208 -28.38 8.59 -16.83
N ARG B 209 -29.18 7.52 -16.89
CA ARG B 209 -29.00 6.48 -17.91
C ARG B 209 -29.17 6.98 -19.34
N GLN B 210 -30.06 7.96 -19.54
CA GLN B 210 -30.30 8.55 -20.87
C GLN B 210 -29.13 9.38 -21.40
N GLN B 211 -28.40 10.05 -20.51
CA GLN B 211 -27.29 10.92 -20.92
C GLN B 211 -25.90 10.29 -20.82
N VAL B 212 -25.80 9.05 -20.33
CA VAL B 212 -24.52 8.38 -20.12
C VAL B 212 -24.43 7.08 -20.95
N PRO B 213 -23.38 6.93 -21.79
CA PRO B 213 -23.14 5.67 -22.49
C PRO B 213 -22.96 4.49 -21.54
N GLY B 214 -23.51 3.34 -21.93
CA GLY B 214 -23.57 2.16 -21.09
C GLY B 214 -24.77 2.12 -20.17
N GLY B 215 -25.63 3.14 -20.24
CA GLY B 215 -26.77 3.26 -19.34
C GLY B 215 -27.92 2.37 -19.76
N LEU B 216 -28.55 1.72 -18.80
CA LEU B 216 -29.67 0.80 -19.04
C LEU B 216 -30.95 1.31 -18.41
N LEU B 217 -32.06 1.13 -19.10
CA LEU B 217 -33.39 1.39 -18.55
C LEU B 217 -33.57 0.45 -17.36
N ARG B 218 -34.05 0.97 -16.23
CA ARG B 218 -34.39 0.12 -15.08
C ARG B 218 -35.90 0.05 -14.89
N PRO B 219 -36.55 -1.04 -15.35
CA PRO B 219 -38.00 -1.17 -15.19
C PRO B 219 -38.45 -1.26 -13.74
N GLN B 220 -39.77 -1.18 -13.52
CA GLN B 220 -40.33 -1.17 -12.16
C GLN B 220 -39.93 -2.39 -11.35
N VAL B 221 -40.04 -3.57 -11.96
CA VAL B 221 -39.72 -4.83 -11.26
C VAL B 221 -38.32 -4.88 -10.65
N LEU B 222 -37.35 -4.22 -11.26
CA LEU B 222 -35.98 -4.14 -10.74
C LEU B 222 -35.86 -3.15 -9.58
N TRP B 223 -36.56 -2.03 -9.66
CA TRP B 223 -36.69 -1.09 -8.54
C TRP B 223 -37.37 -1.73 -7.32
N ASP B 224 -38.31 -2.65 -7.56
CA ASP B 224 -38.95 -3.43 -6.50
C ASP B 224 -37.90 -4.26 -5.76
N GLU B 225 -37.09 -4.98 -6.54
CA GLU B 225 -36.05 -5.86 -6.00
C GLU B 225 -34.86 -5.09 -5.40
N LEU B 226 -34.50 -3.95 -5.98
CA LEU B 226 -33.42 -3.13 -5.43
C LEU B 226 -33.79 -2.54 -4.08
N LEU B 227 -35.02 -2.02 -3.95
CA LEU B 227 -35.51 -1.43 -2.70
C LEU B 227 -35.95 -2.47 -1.65
N ALA B 228 -36.14 -3.72 -2.08
CA ALA B 228 -36.30 -4.85 -1.16
C ALA B 228 -34.97 -5.29 -0.52
N GLU B 229 -33.86 -5.12 -1.25
CA GLU B 229 -32.51 -5.44 -0.75
C GLU B 229 -32.00 -4.49 0.34
N CYS B 230 -32.47 -3.24 0.34
CA CYS B 230 -31.90 -2.20 1.22
C CYS B 230 -32.20 -2.38 2.72
N LYS B 231 -33.24 -3.14 3.08
CA LYS B 231 -33.53 -3.47 4.49
C LYS B 231 -32.40 -4.32 5.11
N ALA B 232 -32.46 -4.50 6.42
CA ALA B 232 -31.48 -5.35 7.13
C ALA B 232 -31.83 -6.84 6.98
N ALA B 233 -30.79 -7.66 6.79
CA ALA B 233 -30.94 -9.12 6.62
C ALA B 233 -30.57 -9.89 7.90
N PRO B 234 -31.13 -11.10 8.11
CA PRO B 234 -30.85 -11.85 9.34
C PRO B 234 -29.43 -12.46 9.38
N GLY B 235 -28.48 -11.71 9.94
CA GLY B 235 -27.08 -12.13 10.03
C GLY B 235 -26.29 -12.09 8.72
N GLY B 236 -26.80 -11.38 7.72
CA GLY B 236 -26.19 -11.30 6.39
C GLY B 236 -25.67 -9.92 6.06
N ASP B 237 -26.30 -9.26 5.09
CA ASP B 237 -25.94 -7.88 4.71
C ASP B 237 -26.49 -6.87 5.71
N ARG B 238 -25.67 -5.87 6.05
CA ARG B 238 -26.05 -4.80 6.99
C ARG B 238 -26.97 -3.80 6.31
N GLU B 239 -27.58 -2.91 7.09
CA GLU B 239 -28.61 -2.00 6.56
C GLU B 239 -28.01 -0.94 5.62
N SER B 240 -28.63 -0.77 4.44
CA SER B 240 -28.20 0.25 3.48
C SER B 240 -28.81 1.60 3.81
N PHE B 241 -28.02 2.65 3.58
CA PHE B 241 -28.48 4.03 3.71
C PHE B 241 -28.29 4.73 2.38
N ALA B 242 -28.82 5.95 2.28
CA ALA B 242 -28.73 6.76 1.06
C ALA B 242 -28.34 8.21 1.35
N LEU B 243 -27.61 8.81 0.41
CA LEU B 243 -27.28 10.22 0.42
C LEU B 243 -27.92 10.86 -0.80
N LEU B 244 -28.95 11.70 -0.59
CA LEU B 244 -29.78 12.25 -1.67
C LEU B 244 -29.50 13.72 -1.97
N HIS B 245 -29.31 14.02 -3.27
CA HIS B 245 -29.13 15.37 -3.81
C HIS B 245 -30.25 15.59 -4.83
N PRO B 246 -30.55 16.86 -5.20
CA PRO B 246 -31.55 17.02 -6.27
C PRO B 246 -31.14 16.33 -7.57
N ASP B 247 -29.90 16.54 -7.98
CA ASP B 247 -29.35 15.97 -9.22
C ASP B 247 -28.40 14.78 -9.01
N GLY B 248 -28.58 14.03 -7.92
CA GLY B 248 -27.72 12.88 -7.66
C GLY B 248 -28.08 12.10 -6.40
N TYR B 249 -27.67 10.83 -6.37
CA TYR B 249 -27.82 10.02 -5.17
C TYR B 249 -26.76 8.94 -5.05
N ALA B 250 -26.62 8.42 -3.82
CA ALA B 250 -25.60 7.44 -3.48
C ALA B 250 -26.11 6.41 -2.47
N LEU B 251 -26.17 5.15 -2.88
CA LEU B 251 -26.53 4.03 -2.00
C LEU B 251 -25.25 3.42 -1.42
N TYR B 252 -25.18 3.32 -0.10
CA TYR B 252 -24.04 2.71 0.58
C TYR B 252 -24.44 1.86 1.77
N ARG B 253 -23.54 0.98 2.18
CA ARG B 253 -23.73 0.16 3.36
C ARG B 253 -22.39 -0.31 3.90
N VAL B 254 -22.35 -0.60 5.20
CA VAL B 254 -21.11 -1.00 5.86
C VAL B 254 -20.85 -2.48 5.55
N ASP B 255 -19.58 -2.80 5.31
CA ASP B 255 -19.17 -4.16 4.96
C ASP B 255 -19.35 -5.07 6.16
N ARG B 256 -19.88 -6.27 5.94
CA ARG B 256 -20.24 -7.18 7.03
C ARG B 256 -19.02 -7.63 7.86
N THR B 257 -17.88 -7.82 7.20
CA THR B 257 -16.63 -8.27 7.85
C THR B 257 -15.79 -7.09 8.32
N ASP B 258 -15.65 -6.07 7.46
CA ASP B 258 -14.88 -4.86 7.80
C ASP B 258 -15.82 -3.74 8.27
N LEU B 259 -15.98 -3.62 9.59
CA LEU B 259 -16.88 -2.61 10.18
C LEU B 259 -16.44 -1.16 9.94
N LYS B 260 -15.18 -0.95 9.54
CA LYS B 260 -14.66 0.37 9.22
C LYS B 260 -14.69 0.70 7.72
N LEU B 261 -15.29 -0.17 6.90
CA LEU B 261 -15.42 0.05 5.45
C LEU B 261 -16.89 0.25 5.04
N ALA B 262 -17.18 1.37 4.37
CA ALA B 262 -18.49 1.57 3.73
C ALA B 262 -18.38 1.25 2.24
N ARG B 263 -19.12 0.25 1.78
CA ARG B 263 -19.20 -0.07 0.35
C ARG B 263 -20.31 0.75 -0.32
N VAL B 264 -19.93 1.58 -1.29
CA VAL B 264 -20.88 2.33 -2.09
C VAL B 264 -21.28 1.42 -3.25
N SER B 265 -22.49 0.85 -3.16
CA SER B 265 -23.03 -0.03 -4.20
C SER B 265 -23.33 0.70 -5.52
N GLU B 266 -23.83 1.93 -5.40
CA GLU B 266 -24.38 2.67 -6.54
C GLU B 266 -24.34 4.20 -6.33
N LEU B 267 -23.59 4.89 -7.20
CA LEU B 267 -23.45 6.35 -7.16
C LEU B 267 -23.87 6.91 -8.51
N ARG B 268 -25.13 7.33 -8.60
CA ARG B 268 -25.67 8.02 -9.79
C ARG B 268 -25.72 9.54 -9.59
N ALA B 269 -25.03 10.26 -10.48
CA ALA B 269 -24.96 11.73 -10.43
C ALA B 269 -25.07 12.30 -11.84
N VAL B 270 -25.89 13.33 -11.99
CA VAL B 270 -26.16 13.98 -13.27
C VAL B 270 -25.17 15.13 -13.48
N THR B 271 -25.09 16.04 -12.52
CA THR B 271 -24.19 17.21 -12.60
C THR B 271 -22.88 16.93 -11.89
N ALA B 272 -21.89 17.79 -12.13
CA ALA B 272 -20.59 17.72 -11.45
C ALA B 272 -20.71 18.18 -9.99
N ASP B 273 -21.62 19.13 -9.74
CA ASP B 273 -21.95 19.58 -8.38
C ASP B 273 -22.52 18.45 -7.52
N ALA B 274 -23.45 17.69 -8.08
CA ALA B 274 -24.03 16.54 -7.39
C ALA B 274 -22.97 15.48 -7.05
N HIS B 275 -22.05 15.25 -7.97
CA HIS B 275 -20.95 14.28 -7.78
C HIS B 275 -20.04 14.67 -6.60
N CYS B 276 -19.63 15.94 -6.55
CA CYS B 276 -18.73 16.41 -5.48
C CYS B 276 -19.43 16.42 -4.12
N ALA B 277 -20.65 16.97 -4.10
CA ALA B 277 -21.49 17.06 -2.90
C ALA B 277 -21.71 15.71 -2.23
N LEU B 278 -22.02 14.70 -3.04
CA LEU B 278 -22.15 13.33 -2.57
C LEU B 278 -20.85 12.78 -1.99
N TRP B 279 -19.70 13.08 -2.62
CA TRP B 279 -18.40 12.61 -2.12
C TRP B 279 -17.91 13.33 -0.87
N ARG B 280 -18.24 14.61 -0.73
CA ARG B 280 -18.00 15.32 0.53
C ARG B 280 -18.75 14.65 1.71
N ALA B 281 -19.99 14.26 1.47
CA ALA B 281 -20.81 13.57 2.47
C ALA B 281 -20.23 12.21 2.82
N LEU B 282 -19.98 11.38 1.80
CA LEU B 282 -19.31 10.08 1.96
C LEU B 282 -17.99 10.18 2.75
N ILE B 283 -17.13 11.13 2.35
CA ILE B 283 -15.87 11.40 3.05
C ILE B 283 -16.09 11.96 4.46
N GLY B 284 -17.26 12.56 4.69
CA GLY B 284 -17.71 12.92 6.03
C GLY B 284 -18.19 11.83 6.97
N LEU B 285 -18.00 10.54 6.62
CA LEU B 285 -18.43 9.42 7.50
C LEU B 285 -17.36 9.10 8.57
N ASP B 286 -17.32 9.92 9.63
CA ASP B 286 -16.29 9.82 10.71
C ASP B 286 -16.12 8.42 11.33
N SER B 287 -17.19 7.64 11.36
CA SER B 287 -17.18 6.24 11.84
C SER B 287 -16.28 5.33 11.01
N MET B 288 -16.31 5.53 9.69
CA MET B 288 -15.62 4.66 8.74
C MET B 288 -14.18 5.10 8.54
N GLU B 289 -13.31 4.15 8.21
CA GLU B 289 -11.94 4.44 7.80
C GLU B 289 -11.87 4.63 6.29
N ARG B 290 -12.42 3.66 5.56
CA ARG B 290 -12.32 3.61 4.10
C ARG B 290 -13.70 3.62 3.43
N ILE B 291 -13.77 4.24 2.25
CA ILE B 291 -14.96 4.20 1.39
C ILE B 291 -14.55 3.56 0.07
N SER B 292 -15.27 2.52 -0.36
CA SER B 292 -15.01 1.89 -1.66
C SER B 292 -16.23 2.01 -2.59
N ILE B 293 -15.94 1.90 -3.89
CA ILE B 293 -16.96 2.01 -4.93
C ILE B 293 -16.49 1.33 -6.20
N ILE B 294 -17.41 0.69 -6.92
CA ILE B 294 -17.15 0.13 -8.23
C ILE B 294 -17.68 1.16 -9.23
N THR B 295 -16.75 1.86 -9.88
CA THR B 295 -17.06 2.98 -10.76
C THR B 295 -16.34 2.76 -12.10
N HIS B 296 -16.09 3.83 -12.85
CA HIS B 296 -15.52 3.75 -14.20
C HIS B 296 -14.18 4.48 -14.25
N PRO B 297 -13.33 4.19 -15.26
CA PRO B 297 -11.95 4.74 -15.27
C PRO B 297 -11.83 6.27 -15.30
N GLN B 298 -12.81 6.96 -15.89
CA GLN B 298 -12.81 8.42 -15.98
C GLN B 298 -13.59 9.11 -14.83
N ASP B 299 -13.75 8.43 -13.68
CA ASP B 299 -14.39 9.05 -12.51
C ASP B 299 -13.49 10.18 -12.03
N PRO B 300 -14.03 11.42 -11.92
CA PRO B 300 -13.22 12.55 -11.52
C PRO B 300 -12.89 12.66 -10.03
N LEU B 301 -13.23 11.65 -9.22
CA LEU B 301 -12.98 11.65 -7.78
C LEU B 301 -11.52 11.96 -7.39
N PRO B 302 -10.54 11.26 -7.99
CA PRO B 302 -9.15 11.52 -7.56
C PRO B 302 -8.74 12.99 -7.72
N HIS B 303 -9.19 13.62 -8.81
CA HIS B 303 -8.90 15.03 -9.08
C HIS B 303 -9.69 16.02 -8.19
N LEU B 304 -10.75 15.55 -7.54
CA LEU B 304 -11.45 16.30 -6.49
C LEU B 304 -10.64 16.48 -5.19
N LEU B 305 -9.68 15.60 -4.93
CA LEU B 305 -8.88 15.66 -3.69
C LEU B 305 -7.55 16.38 -3.92
N THR B 306 -6.93 16.80 -2.82
CA THR B 306 -5.57 17.40 -2.84
C THR B 306 -4.50 16.36 -3.15
N ASP B 307 -4.73 15.14 -2.67
CA ASP B 307 -3.91 13.98 -2.97
C ASP B 307 -4.72 13.06 -3.89
N THR B 308 -4.40 13.03 -5.19
CA THR B 308 -5.05 12.10 -6.13
C THR B 308 -4.74 10.65 -5.75
N ARG B 309 -3.55 10.42 -5.21
CA ARG B 309 -3.09 9.07 -4.87
C ARG B 309 -3.90 8.40 -3.76
N LEU B 310 -4.58 9.19 -2.93
CA LEU B 310 -5.48 8.65 -1.90
C LEU B 310 -6.64 7.84 -2.47
N ALA B 311 -7.14 8.20 -3.65
CA ALA B 311 -8.17 7.43 -4.34
C ALA B 311 -7.58 6.20 -5.03
N ARG B 312 -7.21 5.18 -4.23
CA ARG B 312 -6.50 3.99 -4.73
C ARG B 312 -7.41 3.05 -5.52
N THR B 313 -7.07 2.83 -6.79
CA THR B 313 -7.76 1.85 -7.62
C THR B 313 -7.34 0.44 -7.19
N THR B 314 -8.18 -0.20 -6.38
CA THR B 314 -7.87 -1.50 -5.76
C THR B 314 -8.26 -2.73 -6.59
N TRP B 315 -9.02 -2.54 -7.66
CA TRP B 315 -9.54 -3.64 -8.47
C TRP B 315 -9.96 -3.12 -9.86
N ARG B 316 -9.67 -3.90 -10.90
CA ARG B 316 -9.98 -3.51 -12.28
C ARG B 316 -10.41 -4.74 -13.06
N GLN B 317 -11.62 -4.70 -13.62
CA GLN B 317 -12.17 -5.83 -14.37
C GLN B 317 -13.12 -5.38 -15.49
N ASP B 318 -13.26 -6.22 -16.51
CA ASP B 318 -14.27 -6.01 -17.58
C ASP B 318 -15.70 -6.05 -17.04
N GLY B 319 -16.53 -5.12 -17.52
CA GLY B 319 -17.92 -5.00 -17.05
C GLY B 319 -18.91 -5.60 -18.03
N LEU B 320 -19.50 -4.75 -18.86
CA LEU B 320 -20.51 -5.16 -19.82
C LEU B 320 -19.81 -5.71 -21.06
N TRP B 321 -20.31 -6.83 -21.61
CA TRP B 321 -19.81 -7.40 -22.86
C TRP B 321 -20.85 -7.21 -23.95
N LEU B 322 -20.40 -6.83 -25.15
CA LEU B 322 -21.30 -6.61 -26.30
C LEU B 322 -20.98 -7.53 -27.47
N ARG B 323 -22.04 -7.88 -28.21
CA ARG B 323 -21.95 -8.57 -29.49
C ARG B 323 -22.85 -7.80 -30.47
N ILE B 324 -22.24 -7.27 -31.54
CA ILE B 324 -22.99 -6.59 -32.59
C ILE B 324 -23.74 -7.66 -33.39
N MET B 325 -25.07 -7.56 -33.43
CA MET B 325 -25.90 -8.50 -34.21
C MET B 325 -26.03 -8.00 -35.65
N ASN B 326 -26.54 -6.78 -35.81
CA ASN B 326 -26.67 -6.14 -37.13
C ASN B 326 -25.67 -4.99 -37.19
N VAL B 327 -24.64 -5.14 -38.01
CA VAL B 327 -23.58 -4.13 -38.10
C VAL B 327 -24.07 -2.77 -38.65
N PRO B 328 -24.84 -2.77 -39.77
CA PRO B 328 -25.32 -1.47 -40.25
C PRO B 328 -26.20 -0.71 -39.26
N ALA B 329 -27.21 -1.37 -38.67
CA ALA B 329 -28.09 -0.71 -37.70
C ALA B 329 -27.34 -0.19 -36.46
N ALA B 330 -26.31 -0.92 -36.03
CA ALA B 330 -25.53 -0.56 -34.84
C ALA B 330 -24.60 0.63 -35.09
N LEU B 331 -23.78 0.54 -36.12
CA LEU B 331 -22.79 1.57 -36.42
C LEU B 331 -23.44 2.89 -36.85
N GLU B 332 -24.48 2.83 -37.69
CA GLU B 332 -25.20 4.02 -38.12
C GLU B 332 -25.93 4.73 -36.97
N ALA B 333 -26.52 3.94 -36.05
CA ALA B 333 -27.29 4.49 -34.92
C ALA B 333 -26.47 5.22 -33.86
N ARG B 334 -25.16 4.94 -33.82
CA ARG B 334 -24.25 5.53 -32.84
C ARG B 334 -23.82 6.94 -33.24
N GLY B 335 -23.52 7.76 -32.23
CA GLY B 335 -22.91 9.08 -32.44
C GLY B 335 -21.38 8.96 -32.45
N TYR B 336 -20.73 9.79 -33.27
CA TYR B 336 -19.26 9.80 -33.40
C TYR B 336 -18.69 11.19 -33.14
N ALA B 337 -17.37 11.24 -33.01
CA ALA B 337 -16.65 12.48 -32.70
C ALA B 337 -16.75 13.45 -33.87
N HIS B 338 -17.20 14.67 -33.59
CA HIS B 338 -17.17 15.77 -34.55
C HIS B 338 -15.74 16.17 -34.90
N GLU B 339 -14.82 16.04 -33.94
CA GLU B 339 -13.44 16.55 -34.04
C GLU B 339 -12.65 16.02 -35.25
N VAL B 340 -12.83 14.74 -35.57
CA VAL B 340 -12.20 14.14 -36.77
C VAL B 340 -12.93 14.56 -38.05
N GLY B 341 -12.16 14.70 -39.14
CA GLY B 341 -12.72 15.03 -40.45
C GLY B 341 -13.42 13.85 -41.08
N GLU B 342 -14.05 14.08 -42.23
CA GLU B 342 -14.77 13.02 -42.95
C GLU B 342 -13.79 12.04 -43.58
N PHE B 343 -14.11 10.74 -43.48
CA PHE B 343 -13.30 9.70 -44.11
C PHE B 343 -14.14 8.44 -44.37
N SER B 344 -13.78 7.72 -45.43
CA SER B 344 -14.48 6.52 -45.86
C SER B 344 -13.58 5.31 -45.83
N THR B 345 -14.16 4.15 -45.55
CA THR B 345 -13.42 2.89 -45.53
C THR B 345 -14.32 1.68 -45.74
N VAL B 346 -13.69 0.52 -45.88
CA VAL B 346 -14.38 -0.77 -45.99
C VAL B 346 -13.92 -1.68 -44.83
N LEU B 347 -14.89 -2.26 -44.13
CA LEU B 347 -14.69 -3.00 -42.89
C LEU B 347 -15.22 -4.43 -43.02
N GLU B 348 -14.40 -5.43 -42.68
CA GLU B 348 -14.83 -6.83 -42.64
C GLU B 348 -14.92 -7.35 -41.21
N VAL B 349 -16.06 -7.95 -40.87
CA VAL B 349 -16.24 -8.74 -39.66
C VAL B 349 -16.01 -10.20 -40.05
N SER B 350 -15.09 -10.89 -39.35
CA SER B 350 -14.52 -12.18 -39.79
C SER B 350 -15.44 -13.16 -40.53
N ASP B 351 -16.56 -13.55 -39.92
CA ASP B 351 -17.54 -14.44 -40.58
C ASP B 351 -18.93 -13.82 -40.53
N GLY B 352 -19.02 -12.55 -40.91
CA GLY B 352 -20.27 -11.79 -40.84
C GLY B 352 -20.39 -10.71 -41.89
N GLY B 353 -19.98 -11.05 -43.11
CA GLY B 353 -20.08 -10.13 -44.23
C GLY B 353 -19.01 -9.06 -44.24
N ARG B 354 -19.29 -8.00 -44.99
CA ARG B 354 -18.31 -6.93 -45.25
C ARG B 354 -19.08 -5.63 -45.53
N PHE B 355 -18.60 -4.52 -44.98
CA PHE B 355 -19.37 -3.27 -44.88
C PHE B 355 -18.58 -2.01 -45.22
N ALA B 356 -19.08 -1.25 -46.19
CA ALA B 356 -18.53 0.08 -46.48
C ALA B 356 -18.98 1.02 -45.38
N LEU B 357 -18.08 1.93 -44.99
CA LEU B 357 -18.29 2.82 -43.86
C LEU B 357 -17.83 4.22 -44.21
N LYS B 358 -18.60 5.22 -43.80
CA LYS B 358 -18.35 6.61 -44.11
C LYS B 358 -18.76 7.44 -42.90
N ILE B 359 -17.78 7.81 -42.08
CA ILE B 359 -18.00 8.63 -40.88
C ILE B 359 -17.71 10.08 -41.22
N GLY B 360 -18.60 10.97 -40.80
CA GLY B 360 -18.40 12.40 -40.99
C GLY B 360 -19.52 13.21 -40.36
N ASP B 361 -19.16 14.38 -39.82
CA ASP B 361 -20.11 15.29 -39.19
C ASP B 361 -21.00 14.57 -38.16
N GLY B 362 -20.36 13.81 -37.28
CA GLY B 362 -21.05 13.17 -36.14
C GLY B 362 -21.73 11.84 -36.44
N ARG B 363 -22.40 11.75 -37.59
CA ARG B 363 -23.09 10.53 -38.01
C ARG B 363 -22.16 9.65 -38.85
N ALA B 364 -22.65 8.47 -39.21
CA ALA B 364 -21.95 7.55 -40.09
C ALA B 364 -22.92 6.79 -40.99
N ARG B 365 -22.51 6.58 -42.24
CA ARG B 365 -23.23 5.72 -43.19
C ARG B 365 -22.51 4.39 -43.30
N CYS B 366 -23.28 3.30 -43.30
CA CYS B 366 -22.73 1.95 -43.36
C CYS B 366 -23.72 1.02 -44.05
N THR B 367 -23.30 0.46 -45.19
CA THR B 367 -24.09 -0.53 -45.91
C THR B 367 -23.20 -1.71 -46.31
N PRO B 368 -23.79 -2.90 -46.55
CA PRO B 368 -22.97 -4.05 -46.96
C PRO B 368 -22.44 -3.92 -48.38
N THR B 369 -21.31 -4.59 -48.63
CA THR B 369 -20.60 -4.48 -49.90
C THR B 369 -19.73 -5.72 -50.17
N ASP B 370 -19.31 -5.89 -51.41
CA ASP B 370 -18.33 -6.92 -51.78
C ASP B 370 -16.91 -6.36 -51.94
N ALA B 371 -16.77 -5.03 -51.84
CA ALA B 371 -15.50 -4.34 -52.07
C ALA B 371 -14.44 -4.82 -51.08
N ALA B 372 -13.18 -4.85 -51.52
CA ALA B 372 -12.06 -5.31 -50.67
C ALA B 372 -12.02 -4.57 -49.35
N ALA B 373 -11.72 -5.31 -48.30
CA ALA B 373 -11.68 -4.76 -46.96
C ALA B 373 -10.38 -3.99 -46.80
N GLU B 374 -10.49 -2.81 -46.19
CA GLU B 374 -9.33 -2.06 -45.69
C GLU B 374 -9.04 -2.42 -44.21
N ILE B 375 -10.10 -2.73 -43.46
CA ILE B 375 -10.01 -3.08 -42.02
C ILE B 375 -10.66 -4.44 -41.80
N GLU B 376 -9.95 -5.33 -41.10
CA GLU B 376 -10.47 -6.65 -40.71
C GLU B 376 -10.52 -6.79 -39.19
N MET B 377 -11.55 -7.49 -38.67
CA MET B 377 -11.66 -7.82 -37.24
C MET B 377 -12.70 -8.90 -36.97
N ASP B 378 -12.54 -9.62 -35.86
CA ASP B 378 -13.55 -10.58 -35.41
C ASP B 378 -14.70 -9.82 -34.77
N ARG B 379 -15.88 -10.43 -34.73
CA ARG B 379 -17.11 -9.76 -34.28
C ARG B 379 -17.05 -9.20 -32.85
N ASP B 380 -16.34 -9.89 -31.96
CA ASP B 380 -16.16 -9.41 -30.58
C ASP B 380 -15.34 -8.11 -30.48
N VAL B 381 -14.41 -7.92 -31.42
CA VAL B 381 -13.52 -6.74 -31.42
C VAL B 381 -14.33 -5.49 -31.75
N LEU B 382 -15.35 -5.64 -32.59
CA LEU B 382 -16.30 -4.54 -32.86
C LEU B 382 -17.13 -4.23 -31.61
N GLY B 383 -17.55 -5.26 -30.88
CA GLY B 383 -18.20 -5.08 -29.57
C GLY B 383 -17.44 -4.19 -28.58
N SER B 384 -16.12 -4.39 -28.52
CA SER B 384 -15.26 -3.67 -27.56
C SER B 384 -15.05 -2.21 -27.93
N LEU B 385 -14.80 -1.98 -29.22
CA LEU B 385 -14.70 -0.64 -29.78
C LEU B 385 -15.97 0.20 -29.61
N TYR B 386 -17.14 -0.45 -29.67
CA TYR B 386 -18.43 0.21 -29.87
C TYR B 386 -18.77 1.31 -28.86
N LEU B 387 -18.71 0.98 -27.58
CA LEU B 387 -18.95 1.99 -26.52
C LEU B 387 -17.78 2.94 -26.36
N GLY B 388 -16.57 2.48 -26.69
CA GLY B 388 -15.38 3.33 -26.74
C GLY B 388 -14.41 3.15 -25.59
N ALA B 389 -14.55 2.08 -24.82
CA ALA B 389 -13.62 1.82 -23.71
C ALA B 389 -12.22 1.52 -24.22
N HIS B 390 -12.13 0.65 -25.21
CA HIS B 390 -10.85 0.19 -25.76
C HIS B 390 -10.55 0.90 -27.08
N ARG B 391 -9.31 1.37 -27.22
CA ARG B 391 -8.88 2.04 -28.44
C ARG B 391 -8.52 0.99 -29.50
N ALA B 392 -8.71 1.35 -30.78
CA ALA B 392 -8.37 0.48 -31.89
C ALA B 392 -6.86 0.27 -32.04
N SER B 393 -6.07 1.28 -31.65
CA SER B 393 -4.61 1.16 -31.61
C SER B 393 -4.15 0.03 -30.71
N THR B 394 -4.74 -0.05 -29.52
CA THR B 394 -4.45 -1.12 -28.56
C THR B 394 -4.74 -2.47 -29.19
N LEU B 395 -5.95 -2.61 -29.73
CA LEU B 395 -6.39 -3.85 -30.36
C LEU B 395 -5.54 -4.20 -31.57
N ALA B 396 -5.13 -3.17 -32.32
CA ALA B 396 -4.27 -3.34 -33.48
C ALA B 396 -2.87 -3.81 -33.09
N ALA B 397 -2.32 -3.20 -32.04
CA ALA B 397 -1.00 -3.60 -31.53
C ALA B 397 -0.97 -5.07 -31.16
N ALA B 398 -2.11 -5.59 -30.70
CA ALA B 398 -2.29 -7.02 -30.41
C ALA B 398 -2.62 -7.87 -31.64
N ASN B 399 -2.90 -7.21 -32.76
CA ASN B 399 -3.27 -7.83 -34.02
C ASN B 399 -4.72 -8.37 -34.02
N ARG B 400 -5.57 -7.86 -33.13
CA ARG B 400 -6.98 -8.28 -33.04
C ARG B 400 -7.82 -7.68 -34.15
N LEU B 401 -7.49 -6.46 -34.55
CA LEU B 401 -7.94 -5.90 -35.82
C LEU B 401 -6.73 -5.53 -36.68
N ARG B 402 -6.78 -5.89 -37.97
CA ARG B 402 -5.68 -5.63 -38.92
C ARG B 402 -6.07 -4.56 -39.95
N THR B 403 -5.11 -3.72 -40.31
CA THR B 403 -5.26 -2.75 -41.38
C THR B 403 -3.88 -2.18 -41.72
N LYS B 404 -3.65 -1.88 -42.99
CA LYS B 404 -2.35 -1.38 -43.46
C LYS B 404 -2.18 0.13 -43.25
N ASP B 405 -3.23 0.90 -43.54
CA ASP B 405 -3.19 2.37 -43.43
C ASP B 405 -3.24 2.79 -41.94
N SER B 406 -2.10 3.28 -41.43
CA SER B 406 -1.97 3.75 -40.05
C SER B 406 -2.75 5.05 -39.79
N GLN B 407 -2.90 5.86 -40.84
CA GLN B 407 -3.76 7.05 -40.78
C GLN B 407 -5.23 6.68 -40.57
N LEU B 408 -5.66 5.59 -41.19
CA LEU B 408 -7.01 5.04 -40.97
C LEU B 408 -7.17 4.49 -39.54
N LEU B 409 -6.09 3.93 -39.00
CA LEU B 409 -6.03 3.46 -37.62
C LEU B 409 -6.24 4.62 -36.61
N ARG B 410 -5.50 5.71 -36.81
CA ARG B 410 -5.64 6.94 -35.98
C ARG B 410 -7.05 7.51 -36.03
N ARG B 411 -7.62 7.55 -37.23
CA ARG B 411 -8.99 8.04 -37.41
C ARG B 411 -10.06 7.17 -36.76
N LEU B 412 -9.82 5.86 -36.68
CA LEU B 412 -10.75 4.94 -35.99
C LEU B 412 -10.82 5.24 -34.50
N ASP B 413 -9.67 5.35 -33.84
CA ASP B 413 -9.60 5.76 -32.44
C ASP B 413 -10.45 7.00 -32.22
N ALA B 414 -10.13 8.06 -32.96
CA ALA B 414 -10.78 9.36 -32.81
C ALA B 414 -12.29 9.27 -32.98
N ALA B 415 -12.72 8.56 -34.02
CA ALA B 415 -14.13 8.46 -34.38
C ALA B 415 -14.90 7.68 -33.33
N PHE B 416 -14.43 6.48 -33.03
CA PHE B 416 -15.12 5.58 -32.10
C PHE B 416 -14.99 5.99 -30.63
N ALA B 417 -14.00 6.84 -30.30
CA ALA B 417 -13.88 7.39 -28.94
C ALA B 417 -15.14 8.15 -28.55
N SER B 418 -15.57 7.99 -27.30
CA SER B 418 -16.79 8.63 -26.81
C SER B 418 -16.43 9.95 -26.12
N ASP B 419 -17.24 10.97 -26.38
CA ASP B 419 -17.08 12.26 -25.73
C ASP B 419 -17.43 12.09 -24.24
N VAL B 420 -18.65 11.62 -23.97
CA VAL B 420 -19.10 11.33 -22.60
C VAL B 420 -18.48 9.99 -22.20
N PRO B 421 -17.87 9.91 -20.99
CA PRO B 421 -17.25 8.63 -20.59
C PRO B 421 -18.25 7.46 -20.45
N VAL B 422 -17.76 6.25 -20.70
CA VAL B 422 -18.59 5.04 -20.67
C VAL B 422 -18.67 4.54 -19.24
N GLN B 423 -19.87 4.09 -18.85
CA GLN B 423 -20.15 3.59 -17.50
C GLN B 423 -20.80 2.22 -17.58
N THR B 424 -21.04 1.61 -16.41
CA THR B 424 -21.65 0.29 -16.31
C THR B 424 -22.89 0.38 -15.40
N ALA B 425 -24.07 0.13 -15.97
CA ALA B 425 -25.34 0.48 -15.33
C ALA B 425 -25.70 -0.41 -14.12
N PHE B 426 -26.03 -1.66 -14.39
CA PHE B 426 -26.24 -2.67 -13.36
C PHE B 426 -26.02 -4.05 -13.98
N GLU B 427 -25.54 -4.97 -13.15
CA GLU B 427 -25.27 -6.35 -13.57
C GLU B 427 -26.61 -7.06 -13.80
N PHE B 428 -26.66 -7.94 -14.80
CA PHE B 428 -27.86 -8.72 -15.13
C PHE B 428 -27.51 -10.13 -15.61
N THR C 30 21.35 30.22 5.86
CA THR C 30 20.86 28.81 5.92
C THR C 30 20.96 28.08 4.56
N LEU C 31 20.28 28.61 3.55
CA LEU C 31 20.19 27.96 2.23
C LEU C 31 21.40 28.29 1.34
N CYS C 32 22.09 27.25 0.88
CA CYS C 32 23.23 27.40 -0.02
C CYS C 32 23.59 26.08 -0.70
N SER C 33 24.31 26.17 -1.82
CA SER C 33 24.75 24.98 -2.59
C SER C 33 25.75 24.15 -1.79
N PRO C 34 25.63 22.80 -1.86
CA PRO C 34 26.53 21.94 -1.09
C PRO C 34 27.96 21.90 -1.60
N THR C 35 28.93 21.89 -0.68
CA THR C 35 30.35 21.69 -1.01
C THR C 35 30.65 20.20 -0.90
N GLU C 36 31.89 19.82 -1.18
CA GLU C 36 32.29 18.40 -1.17
C GLU C 36 32.17 17.74 0.22
N ASP C 37 32.36 18.53 1.28
CA ASP C 37 32.21 18.04 2.67
C ASP C 37 30.76 17.76 3.09
N ASP C 38 29.79 18.39 2.44
CA ASP C 38 28.36 18.20 2.79
C ASP C 38 27.72 16.87 2.38
N TRP C 39 28.34 16.14 1.47
CA TRP C 39 27.77 14.88 0.95
C TRP C 39 27.69 13.74 1.97
N PRO C 40 28.74 13.55 2.80
CA PRO C 40 28.61 12.65 3.95
C PRO C 40 27.37 12.92 4.80
N GLY C 41 27.09 14.19 5.06
CA GLY C 41 25.88 14.58 5.77
C GLY C 41 24.59 14.28 5.01
N MET C 42 24.60 14.52 3.70
CA MET C 42 23.42 14.29 2.84
C MET C 42 23.00 12.82 2.74
N PHE C 43 23.98 11.92 2.65
CA PHE C 43 23.71 10.47 2.61
C PHE C 43 23.15 9.95 3.94
N LEU C 44 23.59 10.52 5.06
CA LEU C 44 22.98 10.23 6.38
C LEU C 44 21.51 10.65 6.38
N LEU C 45 21.24 11.86 5.90
CA LEU C 45 19.86 12.33 5.76
C LEU C 45 19.05 11.42 4.80
N ALA C 46 19.67 11.01 3.69
CA ALA C 46 19.03 10.13 2.70
C ALA C 46 18.64 8.77 3.29
N ALA C 47 19.62 8.09 3.90
CA ALA C 47 19.40 6.76 4.48
C ALA C 47 18.35 6.75 5.62
N ALA C 48 18.23 7.88 6.33
CA ALA C 48 17.18 8.07 7.35
C ALA C 48 15.80 8.35 6.73
N SER C 49 15.79 9.03 5.58
CA SER C 49 14.55 9.43 4.91
C SER C 49 13.99 8.41 3.91
N PHE C 50 14.87 7.60 3.31
CA PHE C 50 14.49 6.66 2.26
C PHE C 50 14.90 5.23 2.63
N THR C 51 13.93 4.33 2.79
CA THR C 51 14.24 2.92 3.05
C THR C 51 14.92 2.28 1.84
N ASP C 52 14.48 2.65 0.64
CA ASP C 52 15.07 2.15 -0.63
C ASP C 52 16.31 2.95 -1.09
N PHE C 53 17.15 3.37 -0.14
CA PHE C 53 18.31 4.20 -0.44
C PHE C 53 19.38 3.32 -1.12
N ILE C 54 19.72 3.69 -2.35
CA ILE C 54 20.71 2.98 -3.17
C ILE C 54 22.08 2.76 -2.49
N GLY C 55 22.51 3.71 -1.65
CA GLY C 55 23.78 3.63 -0.90
C GLY C 55 24.78 4.67 -1.40
N PRO C 56 25.84 4.95 -0.60
CA PRO C 56 26.82 5.98 -0.98
C PRO C 56 27.50 5.75 -2.33
N GLU C 57 27.96 4.51 -2.57
CA GLU C 57 28.68 4.14 -3.79
C GLU C 57 27.84 4.40 -5.06
N SER C 58 26.55 4.04 -5.00
CA SER C 58 25.62 4.21 -6.11
C SER C 58 25.21 5.67 -6.32
N ALA C 59 24.95 6.36 -5.21
CA ALA C 59 24.59 7.78 -5.25
C ALA C 59 25.66 8.71 -5.82
N THR C 60 26.94 8.29 -5.73
CA THR C 60 28.05 9.00 -6.38
C THR C 60 28.00 8.88 -7.92
N ALA C 61 27.52 7.74 -8.42
CA ALA C 61 27.31 7.53 -9.85
C ALA C 61 26.11 8.34 -10.36
N TRP C 62 25.02 8.32 -9.61
CA TRP C 62 23.83 9.15 -9.90
C TRP C 62 24.12 10.67 -9.87
N ARG C 63 25.10 11.08 -9.06
CA ARG C 63 25.48 12.50 -8.92
C ARG C 63 26.13 13.09 -10.17
N THR C 64 26.69 12.27 -11.05
CA THR C 64 27.27 12.77 -12.30
C THR C 64 26.23 13.39 -13.24
N LEU C 65 24.94 13.08 -13.03
CA LEU C 65 23.83 13.68 -13.78
C LEU C 65 23.29 15.00 -13.18
N VAL C 66 23.77 15.38 -12.00
CA VAL C 66 23.40 16.64 -11.35
C VAL C 66 24.42 17.69 -11.78
N PRO C 67 23.96 18.81 -12.35
CA PRO C 67 24.92 19.80 -12.81
C PRO C 67 25.51 20.65 -11.69
N THR C 68 26.52 21.43 -12.03
CA THR C 68 27.06 22.48 -11.15
C THR C 68 25.91 23.38 -10.70
N ASP C 69 25.82 23.60 -9.38
CA ASP C 69 24.73 24.38 -8.77
C ASP C 69 23.31 23.78 -9.00
N GLY C 70 23.24 22.46 -9.17
CA GLY C 70 21.97 21.76 -9.28
C GLY C 70 21.40 21.27 -7.95
N ALA C 71 22.21 21.29 -6.89
CA ALA C 71 21.81 20.82 -5.57
C ALA C 71 21.77 21.97 -4.57
N VAL C 72 20.90 21.87 -3.57
CA VAL C 72 20.88 22.79 -2.42
C VAL C 72 20.91 22.01 -1.10
N VAL C 73 21.50 22.61 -0.07
CA VAL C 73 21.44 22.08 1.30
C VAL C 73 21.02 23.17 2.26
N VAL C 74 20.44 22.73 3.38
CA VAL C 74 20.14 23.57 4.53
C VAL C 74 21.00 23.00 5.66
N ARG C 75 21.90 23.83 6.19
CA ARG C 75 22.68 23.47 7.37
C ARG C 75 22.09 24.12 8.63
N ASP C 76 22.32 23.46 9.77
CA ASP C 76 21.78 23.91 11.06
C ASP C 76 22.63 25.04 11.65
N GLY C 77 22.27 26.28 11.30
CA GLY C 77 22.97 27.47 11.77
C GLY C 77 22.44 28.74 11.15
N SER C 82 28.45 22.62 11.40
CA SER C 82 27.02 22.33 11.49
C SER C 82 26.61 21.18 10.57
N GLU C 83 25.56 20.45 10.95
CA GLU C 83 25.08 19.28 10.19
C GLU C 83 23.96 19.66 9.22
N VAL C 84 23.90 18.95 8.10
CA VAL C 84 22.89 19.19 7.05
C VAL C 84 21.53 18.59 7.44
N VAL C 85 20.50 19.43 7.41
CA VAL C 85 19.15 19.06 7.86
C VAL C 85 18.08 19.15 6.76
N GLY C 86 18.51 19.49 5.54
CA GLY C 86 17.61 19.63 4.41
C GLY C 86 18.38 19.60 3.11
N MET C 87 17.82 18.94 2.11
CA MET C 87 18.48 18.81 0.82
C MET C 87 17.49 18.62 -0.32
N ALA C 88 18.00 18.79 -1.53
CA ALA C 88 17.23 18.66 -2.78
C ALA C 88 18.19 18.82 -3.93
N LEU C 89 17.85 18.27 -5.08
CA LEU C 89 18.65 18.46 -6.29
C LEU C 89 17.86 18.11 -7.54
N TYR C 90 18.38 18.52 -8.69
CA TYR C 90 17.82 18.09 -9.97
C TYR C 90 18.90 17.50 -10.88
N MET C 91 18.50 16.50 -11.67
CA MET C 91 19.36 15.86 -12.64
C MET C 91 19.02 16.32 -14.05
N ASP C 92 20.04 16.32 -14.90
CA ASP C 92 19.87 16.63 -16.32
C ASP C 92 19.31 15.40 -17.03
N LEU C 93 18.02 15.44 -17.33
CA LEU C 93 17.37 14.36 -18.06
C LEU C 93 16.95 14.83 -19.44
N ARG C 94 16.58 13.86 -20.28
CA ARG C 94 16.05 14.11 -21.62
C ARG C 94 14.73 13.34 -21.79
N LEU C 95 13.61 14.05 -21.66
CA LEU C 95 12.28 13.47 -21.69
C LEU C 95 11.67 13.54 -23.08
N THR C 96 11.13 12.42 -23.53
CA THR C 96 10.51 12.30 -24.85
C THR C 96 9.02 12.59 -24.71
N VAL C 97 8.49 13.46 -25.58
CA VAL C 97 7.09 13.93 -25.49
C VAL C 97 6.39 13.61 -26.82
N PRO C 98 5.04 13.82 -26.91
CA PRO C 98 4.32 13.48 -28.14
C PRO C 98 4.84 14.15 -29.42
N GLY C 99 4.77 13.43 -30.53
CA GLY C 99 5.42 13.83 -31.76
C GLY C 99 6.91 13.49 -31.77
N GLU C 100 7.33 12.58 -30.88
CA GLU C 100 8.70 12.06 -30.84
C GLU C 100 9.76 13.15 -30.66
N VAL C 101 9.41 14.18 -29.88
CA VAL C 101 10.27 15.33 -29.61
C VAL C 101 10.96 15.14 -28.27
N VAL C 102 12.24 15.51 -28.19
CA VAL C 102 13.05 15.32 -26.99
C VAL C 102 13.27 16.67 -26.29
N LEU C 103 12.88 16.77 -25.01
CA LEU C 103 13.02 17.99 -24.21
C LEU C 103 14.06 17.84 -23.11
N PRO C 104 14.94 18.85 -22.94
CA PRO C 104 15.71 18.96 -21.71
C PRO C 104 14.79 19.05 -20.49
N THR C 105 15.09 18.28 -19.44
CA THR C 105 14.21 18.16 -18.28
C THR C 105 15.00 18.07 -16.97
N ALA C 106 14.60 18.93 -16.02
CA ALA C 106 15.17 18.94 -14.67
C ALA C 106 14.52 17.86 -13.82
N GLY C 107 15.30 16.83 -13.48
CA GLY C 107 14.79 15.67 -12.75
C GLY C 107 14.92 15.82 -11.25
N LEU C 108 13.90 16.42 -10.61
CA LEU C 108 13.90 16.59 -9.15
C LEU C 108 13.93 15.25 -8.44
N SER C 109 14.92 15.09 -7.55
CA SER C 109 14.96 13.95 -6.66
C SER C 109 15.81 14.25 -5.43
N PHE C 110 15.92 13.27 -4.54
CA PHE C 110 16.79 13.33 -3.37
C PHE C 110 16.32 14.43 -2.39
N VAL C 111 15.03 14.76 -2.45
CA VAL C 111 14.45 15.84 -1.66
C VAL C 111 14.12 15.28 -0.29
N ALA C 112 14.65 15.90 0.77
CA ALA C 112 14.46 15.38 2.12
C ALA C 112 14.66 16.46 3.17
N VAL C 113 13.77 16.48 4.16
CA VAL C 113 13.87 17.37 5.30
C VAL C 113 14.00 16.50 6.53
N ALA C 114 14.99 16.80 7.37
CA ALA C 114 15.23 16.03 8.60
C ALA C 114 14.02 16.12 9.54
N PRO C 115 13.71 15.02 10.26
CA PRO C 115 12.51 14.96 11.09
C PRO C 115 12.51 15.96 12.26
N THR C 116 13.70 16.38 12.68
CA THR C 116 13.85 17.42 13.68
C THR C 116 13.43 18.81 13.19
N HIS C 117 13.67 19.11 11.91
CA HIS C 117 13.42 20.46 11.35
C HIS C 117 12.23 20.55 10.39
N ARG C 118 11.31 19.58 10.44
CA ARG C 118 10.14 19.62 9.54
C ARG C 118 9.09 20.63 10.02
N ARG C 119 8.11 20.91 9.15
CA ARG C 119 7.06 21.91 9.37
C ARG C 119 7.63 23.31 9.68
N ARG C 120 8.74 23.63 9.02
CA ARG C 120 9.55 24.82 9.33
C ARG C 120 9.94 25.64 8.07
N GLY C 121 9.19 25.50 6.97
CA GLY C 121 9.49 26.21 5.72
C GLY C 121 10.73 25.81 4.95
N LEU C 122 11.39 24.71 5.33
CA LEU C 122 12.66 24.28 4.71
C LEU C 122 12.48 23.73 3.31
N LEU C 123 11.44 22.92 3.12
CA LEU C 123 11.10 22.36 1.82
C LEU C 123 10.68 23.44 0.83
N ARG C 124 9.80 24.35 1.27
CA ARG C 124 9.31 25.47 0.46
C ARG C 124 10.46 26.36 -0.03
N ALA C 125 11.39 26.65 0.86
CA ALA C 125 12.58 27.45 0.54
C ALA C 125 13.48 26.77 -0.49
N MET C 126 13.73 25.47 -0.30
CA MET C 126 14.58 24.69 -1.21
C MET C 126 13.96 24.55 -2.61
N CYS C 127 12.66 24.28 -2.66
CA CYS C 127 11.98 24.03 -3.93
C CYS C 127 11.94 25.29 -4.81
N ALA C 128 11.66 26.44 -4.19
CA ALA C 128 11.61 27.73 -4.88
C ALA C 128 12.96 28.12 -5.50
N GLU C 129 14.05 27.77 -4.80
CA GLU C 129 15.40 28.10 -5.25
C GLU C 129 15.80 27.25 -6.45
N LEU C 130 15.54 25.95 -6.38
CA LEU C 130 15.78 25.06 -7.51
C LEU C 130 14.94 25.43 -8.73
N HIS C 131 13.66 25.76 -8.52
CA HIS C 131 12.82 26.21 -9.63
C HIS C 131 13.27 27.54 -10.23
N ARG C 132 13.85 28.39 -9.41
CA ARG C 132 14.52 29.59 -9.90
C ARG C 132 15.69 29.18 -10.78
N ARG C 133 16.53 28.29 -10.27
CA ARG C 133 17.71 27.82 -11.02
C ARG C 133 17.37 27.07 -12.30
N ILE C 134 16.40 26.17 -12.20
CA ILE C 134 15.92 25.37 -13.32
C ILE C 134 15.34 26.26 -14.42
N ALA C 135 14.54 27.25 -14.02
CA ALA C 135 13.98 28.23 -14.96
C ALA C 135 15.07 29.05 -15.66
N ASP C 136 15.89 29.73 -14.86
CA ASP C 136 16.97 30.59 -15.37
C ASP C 136 18.00 29.84 -16.23
N SER C 137 18.18 28.54 -15.94
CA SER C 137 19.02 27.65 -16.77
C SER C 137 18.46 27.36 -18.15
N GLY C 138 17.15 27.49 -18.32
CA GLY C 138 16.47 27.32 -19.61
C GLY C 138 15.79 25.97 -19.85
N TYR C 139 15.39 25.29 -18.78
CA TYR C 139 14.62 24.03 -18.87
C TYR C 139 13.13 24.36 -19.08
N PRO C 140 12.52 23.84 -20.16
CA PRO C 140 11.08 24.06 -20.34
C PRO C 140 10.20 23.26 -19.38
N VAL C 141 10.72 22.14 -18.88
CA VAL C 141 9.98 21.29 -17.94
C VAL C 141 10.88 20.72 -16.85
N ALA C 142 10.25 20.39 -15.73
CA ALA C 142 10.90 19.67 -14.65
C ALA C 142 10.02 18.49 -14.28
N ALA C 143 10.65 17.44 -13.76
CA ALA C 143 9.94 16.20 -13.52
C ALA C 143 10.44 15.46 -12.29
N LEU C 144 9.57 14.66 -11.69
CA LEU C 144 9.92 13.89 -10.50
C LEU C 144 9.01 12.69 -10.30
N HIS C 145 9.47 11.78 -9.42
CA HIS C 145 8.69 10.63 -8.96
C HIS C 145 8.35 10.79 -7.49
N ALA C 146 7.07 10.63 -7.15
CA ALA C 146 6.53 10.98 -5.83
C ALA C 146 6.58 9.85 -4.80
N SER C 147 6.92 10.18 -3.56
CA SER C 147 6.83 9.25 -2.41
C SER C 147 5.42 9.29 -1.78
N GLU C 148 4.76 10.45 -1.88
CA GLU C 148 3.34 10.60 -1.52
C GLU C 148 2.66 11.50 -2.56
N GLY C 149 1.40 11.23 -2.89
CA GLY C 149 0.68 12.02 -3.89
C GLY C 149 0.23 13.42 -3.49
N GLY C 150 0.16 13.70 -2.18
CA GLY C 150 -0.43 14.96 -1.68
C GLY C 150 0.50 16.16 -1.50
N ILE C 151 1.82 15.92 -1.52
CA ILE C 151 2.82 16.95 -1.27
C ILE C 151 3.06 17.84 -2.51
N TYR C 152 2.99 17.24 -3.71
CA TYR C 152 3.57 17.83 -4.93
C TYR C 152 2.65 18.74 -5.75
N GLY C 153 1.33 18.63 -5.59
CA GLY C 153 0.36 19.46 -6.30
C GLY C 153 0.50 20.98 -6.11
N ARG C 154 0.99 21.40 -4.94
CA ARG C 154 1.17 22.82 -4.64
C ARG C 154 2.41 23.45 -5.32
N PHE C 155 3.44 22.64 -5.55
CA PHE C 155 4.69 23.09 -6.19
C PHE C 155 4.62 23.15 -7.72
N GLY C 156 3.44 22.87 -8.29
CA GLY C 156 3.21 22.92 -9.73
C GLY C 156 3.35 21.60 -10.48
N TYR C 157 3.51 20.50 -9.75
CA TYR C 157 3.71 19.18 -10.37
C TYR C 157 2.39 18.41 -10.45
N GLY C 158 2.07 17.92 -11.65
CA GLY C 158 0.89 17.07 -11.87
C GLY C 158 1.27 15.67 -12.36
N PRO C 159 0.46 14.63 -12.02
CA PRO C 159 0.75 13.27 -12.51
C PRO C 159 0.64 13.16 -14.03
N ALA C 160 1.75 12.81 -14.66
CA ALA C 160 1.85 12.81 -16.12
C ALA C 160 1.59 11.42 -16.70
N THR C 161 2.28 10.42 -16.19
CA THR C 161 2.12 9.03 -16.62
C THR C 161 1.35 8.25 -15.56
N THR C 162 0.94 7.04 -15.93
CA THR C 162 0.21 6.13 -15.03
C THR C 162 0.90 4.77 -14.98
N LEU C 163 1.30 4.35 -13.79
CA LEU C 163 1.77 2.97 -13.53
C LEU C 163 0.56 2.05 -13.34
N HIS C 164 0.74 0.81 -13.75
CA HIS C 164 -0.37 -0.10 -13.96
C HIS C 164 0.20 -1.51 -13.88
N GLU C 165 0.04 -2.18 -12.74
CA GLU C 165 0.58 -3.53 -12.55
C GLU C 165 -0.41 -4.58 -13.05
N LEU C 166 0.02 -5.35 -14.06
CA LEU C 166 -0.69 -6.55 -14.49
C LEU C 166 -0.07 -7.77 -13.83
N THR C 167 -0.91 -8.72 -13.45
CA THR C 167 -0.50 -10.00 -12.89
C THR C 167 -1.24 -11.08 -13.67
N VAL C 168 -0.51 -11.89 -14.44
CA VAL C 168 -1.12 -12.95 -15.25
C VAL C 168 -0.94 -14.30 -14.57
N ASP C 169 -2.05 -14.99 -14.30
CA ASP C 169 -2.00 -16.39 -13.89
C ASP C 169 -1.67 -17.21 -15.14
N ARG C 170 -0.38 -17.58 -15.24
CA ARG C 170 0.17 -18.16 -16.47
C ARG C 170 -0.11 -19.65 -16.69
N ARG C 171 -0.67 -20.32 -15.69
CA ARG C 171 -1.12 -21.70 -15.85
C ARG C 171 -2.30 -21.77 -16.82
N PHE C 172 -3.22 -20.80 -16.74
CA PHE C 172 -4.40 -20.73 -17.60
C PHE C 172 -4.20 -19.90 -18.87
N ALA C 173 -3.02 -19.30 -19.04
CA ALA C 173 -2.79 -18.36 -20.13
C ALA C 173 -2.60 -19.05 -21.48
N ARG C 174 -3.57 -18.84 -22.38
CA ARG C 174 -3.51 -19.31 -23.76
C ARG C 174 -3.62 -18.11 -24.68
N PHE C 175 -2.73 -18.04 -25.67
CA PHE C 175 -2.73 -16.94 -26.63
C PHE C 175 -3.86 -17.04 -27.65
N HIS C 176 -4.32 -15.88 -28.14
CA HIS C 176 -5.37 -15.79 -29.15
C HIS C 176 -4.83 -16.32 -30.50
N ALA C 177 -5.72 -16.74 -31.38
CA ALA C 177 -5.32 -17.17 -32.74
C ALA C 177 -4.78 -16.00 -33.56
N ASP C 178 -5.22 -14.78 -33.23
CA ASP C 178 -4.74 -13.56 -33.88
C ASP C 178 -3.36 -13.09 -33.41
N ALA C 179 -2.83 -13.67 -32.32
CA ALA C 179 -1.58 -13.22 -31.71
C ALA C 179 -0.35 -13.43 -32.61
N PRO C 180 0.41 -12.35 -32.94
CA PRO C 180 1.56 -12.45 -33.86
C PRO C 180 2.60 -13.53 -33.52
N GLY C 181 2.95 -14.35 -34.51
CA GLY C 181 3.88 -15.47 -34.32
C GLY C 181 3.29 -16.61 -33.51
N GLY C 182 2.18 -17.17 -34.00
CA GLY C 182 1.47 -18.27 -33.34
C GLY C 182 1.64 -19.59 -34.07
N GLY C 186 11.45 -22.10 -35.27
CA GLY C 186 12.32 -21.61 -34.20
C GLY C 186 11.91 -20.25 -33.65
N SER C 187 12.05 -20.07 -32.34
CA SER C 187 11.72 -18.80 -31.67
C SER C 187 12.91 -17.84 -31.71
N SER C 188 12.63 -16.56 -31.96
CA SER C 188 13.67 -15.52 -32.04
C SER C 188 14.11 -14.97 -30.67
N VAL C 189 13.41 -15.33 -29.59
CA VAL C 189 13.77 -14.90 -28.22
C VAL C 189 14.75 -15.88 -27.57
N ARG C 190 15.83 -15.34 -27.00
CA ARG C 190 16.81 -16.13 -26.25
C ARG C 190 16.75 -15.81 -24.77
N LEU C 191 16.99 -16.81 -23.92
CA LEU C 191 17.13 -16.61 -22.47
C LEU C 191 18.62 -16.41 -22.16
N VAL C 192 18.95 -15.26 -21.57
CA VAL C 192 20.34 -14.85 -21.38
C VAL C 192 20.64 -14.23 -20.02
N ARG C 193 21.93 -14.21 -19.66
CA ARG C 193 22.42 -13.45 -18.53
C ARG C 193 22.48 -11.98 -18.92
N PRO C 194 21.86 -11.08 -18.13
CA PRO C 194 21.82 -9.67 -18.55
C PRO C 194 23.17 -8.96 -18.70
N THR C 195 24.13 -9.26 -17.81
CA THR C 195 25.46 -8.63 -17.83
C THR C 195 26.26 -8.95 -19.10
N GLU C 196 25.97 -10.08 -19.73
CA GLU C 196 26.65 -10.50 -20.96
C GLU C 196 26.15 -9.81 -22.25
N HIS C 197 25.00 -9.12 -22.20
CA HIS C 197 24.37 -8.51 -23.39
C HIS C 197 23.92 -7.07 -23.13
N ARG C 198 24.87 -6.25 -22.67
CA ARG C 198 24.62 -4.85 -22.33
C ARG C 198 24.31 -4.00 -23.57
N GLY C 199 25.21 -4.05 -24.55
CA GLY C 199 25.09 -3.27 -25.79
C GLY C 199 23.76 -3.42 -26.51
N GLU C 200 23.22 -4.64 -26.49
CA GLU C 200 21.92 -4.93 -27.11
C GLU C 200 20.75 -4.28 -26.37
N PHE C 201 20.79 -4.26 -25.03
CA PHE C 201 19.75 -3.58 -24.24
C PHE C 201 19.83 -2.07 -24.41
N GLU C 202 21.06 -1.53 -24.49
CA GLU C 202 21.28 -0.10 -24.75
C GLU C 202 20.65 0.30 -26.10
N ALA C 203 20.98 -0.46 -27.14
CA ALA C 203 20.46 -0.25 -28.50
C ALA C 203 18.93 -0.33 -28.56
N ILE C 204 18.38 -1.37 -27.94
CA ILE C 204 16.93 -1.57 -27.89
C ILE C 204 16.23 -0.46 -27.09
N TYR C 205 16.81 -0.12 -25.94
CA TYR C 205 16.27 0.97 -25.10
C TYR C 205 16.36 2.34 -25.77
N GLU C 206 17.47 2.60 -26.45
CA GLU C 206 17.70 3.88 -27.15
C GLU C 206 16.66 4.08 -28.26
N ARG C 207 16.38 3.00 -28.99
CA ARG C 207 15.26 2.97 -29.92
C ARG C 207 13.93 3.25 -29.24
N TRP C 208 13.68 2.53 -28.14
CA TRP C 208 12.41 2.60 -27.41
C TRP C 208 12.09 3.98 -26.86
N ARG C 209 13.06 4.56 -26.13
CA ARG C 209 12.85 5.83 -25.44
C ARG C 209 12.62 6.99 -26.40
N GLN C 210 13.25 6.92 -27.58
CA GLN C 210 13.11 7.95 -28.60
C GLN C 210 11.73 8.01 -29.24
N GLN C 211 11.03 6.87 -29.29
CA GLN C 211 9.75 6.81 -29.98
C GLN C 211 8.51 6.78 -29.08
N VAL C 212 8.69 6.74 -27.76
CA VAL C 212 7.58 6.61 -26.81
C VAL C 212 7.48 7.85 -25.91
N PRO C 213 6.28 8.48 -25.82
CA PRO C 213 6.06 9.60 -24.89
C PRO C 213 6.23 9.18 -23.42
N GLY C 214 7.12 9.88 -22.71
CA GLY C 214 7.56 9.50 -21.38
C GLY C 214 8.93 8.87 -21.35
N GLY C 215 9.48 8.52 -22.52
CA GLY C 215 10.81 7.94 -22.59
C GLY C 215 11.91 8.87 -22.10
N LEU C 216 12.84 8.32 -21.34
CA LEU C 216 13.98 9.07 -20.81
C LEU C 216 15.24 8.50 -21.43
N LEU C 217 16.22 9.36 -21.71
CA LEU C 217 17.57 8.92 -22.10
C LEU C 217 18.20 8.22 -20.89
N ARG C 218 18.92 7.14 -21.14
CA ARG C 218 19.63 6.42 -20.08
C ARG C 218 21.16 6.47 -20.28
N PRO C 219 21.86 7.40 -19.59
CA PRO C 219 23.32 7.49 -19.76
C PRO C 219 24.11 6.30 -19.21
N GLN C 220 25.40 6.26 -19.50
CA GLN C 220 26.24 5.10 -19.17
C GLN C 220 26.24 4.75 -17.68
N VAL C 221 26.26 5.75 -16.80
CA VAL C 221 26.26 5.50 -15.34
C VAL C 221 25.00 4.82 -14.79
N LEU C 222 23.86 4.95 -15.47
CA LEU C 222 22.64 4.25 -15.06
C LEU C 222 22.55 2.83 -15.60
N TRP C 223 23.21 2.56 -16.73
CA TRP C 223 23.42 1.18 -17.21
C TRP C 223 24.39 0.43 -16.31
N ASP C 224 25.44 1.11 -15.84
CA ASP C 224 26.37 0.56 -14.85
C ASP C 224 25.62 0.10 -13.60
N GLU C 225 24.79 0.98 -13.06
CA GLU C 225 24.02 0.69 -11.86
C GLU C 225 22.89 -0.32 -12.08
N LEU C 226 22.30 -0.35 -13.28
CA LEU C 226 21.27 -1.35 -13.60
C LEU C 226 21.88 -2.75 -13.69
N LEU C 227 22.99 -2.87 -14.42
CA LEU C 227 23.70 -4.17 -14.56
C LEU C 227 24.52 -4.59 -13.33
N ALA C 228 24.68 -3.68 -12.36
CA ALA C 228 25.17 -4.04 -11.03
C ALA C 228 24.12 -4.82 -10.23
N GLU C 229 22.84 -4.45 -10.40
CA GLU C 229 21.71 -5.10 -9.70
C GLU C 229 21.39 -6.54 -10.13
N CYS C 230 21.85 -6.95 -11.31
CA CYS C 230 21.48 -8.27 -11.87
C CYS C 230 21.97 -9.45 -11.06
N LYS C 231 23.23 -9.40 -10.66
CA LYS C 231 23.86 -10.46 -9.84
C LYS C 231 23.14 -10.62 -8.49
N ALA C 232 23.06 -11.85 -8.01
CA ALA C 232 22.25 -12.19 -6.82
C ALA C 232 22.83 -11.64 -5.50
N GLY C 235 21.80 -13.11 0.72
CA GLY C 235 20.51 -13.34 1.35
C GLY C 235 19.52 -12.21 1.16
N GLY C 236 18.92 -12.13 -0.03
CA GLY C 236 17.92 -11.10 -0.33
C GLY C 236 17.23 -11.32 -1.67
N ASP C 237 17.60 -10.53 -2.67
CA ASP C 237 17.06 -10.64 -4.04
C ASP C 237 17.71 -11.82 -4.79
N ARG C 238 16.89 -12.52 -5.58
CA ARG C 238 17.33 -13.67 -6.36
C ARG C 238 17.92 -13.20 -7.68
N GLU C 239 18.54 -14.13 -8.41
CA GLU C 239 19.25 -13.82 -9.66
C GLU C 239 18.28 -13.32 -10.74
N SER C 240 18.63 -12.20 -11.39
CA SER C 240 17.84 -11.66 -12.52
C SER C 240 18.27 -12.29 -13.84
N PHE C 241 17.28 -12.71 -14.64
CA PHE C 241 17.52 -13.24 -15.97
C PHE C 241 16.97 -12.27 -17.02
N ALA C 242 17.29 -12.55 -18.29
CA ALA C 242 16.85 -11.72 -19.41
C ALA C 242 16.32 -12.54 -20.57
N LEU C 243 15.21 -12.07 -21.15
CA LEU C 243 14.68 -12.59 -22.40
C LEU C 243 14.98 -11.58 -23.52
N LEU C 244 15.95 -11.93 -24.38
CA LEU C 244 16.46 -11.02 -25.43
C LEU C 244 15.91 -11.32 -26.83
N HIS C 245 15.28 -10.32 -27.43
CA HIS C 245 14.80 -10.34 -28.82
C HIS C 245 15.61 -9.25 -29.57
N PRO C 246 15.70 -9.33 -30.92
CA PRO C 246 16.34 -8.18 -31.62
C PRO C 246 15.62 -6.82 -31.44
N ASP C 247 14.30 -6.84 -31.33
CA ASP C 247 13.46 -5.63 -31.20
C ASP C 247 12.86 -5.39 -29.81
N GLY C 248 13.34 -6.11 -28.80
CA GLY C 248 12.83 -5.95 -27.44
C GLY C 248 13.56 -6.79 -26.42
N TYR C 249 13.41 -6.44 -25.15
CA TYR C 249 13.91 -7.26 -24.05
C TYR C 249 12.99 -7.25 -22.82
N ALA C 250 13.16 -8.26 -21.98
CA ALA C 250 12.46 -8.35 -20.69
C ALA C 250 13.45 -8.74 -19.60
N LEU C 251 13.59 -7.89 -18.58
CA LEU C 251 14.37 -8.19 -17.39
C LEU C 251 13.44 -8.67 -16.28
N TYR C 252 13.67 -9.87 -15.79
CA TYR C 252 12.81 -10.47 -14.78
C TYR C 252 13.61 -11.20 -13.72
N ARG C 253 12.97 -11.38 -12.56
CA ARG C 253 13.50 -12.23 -11.50
C ARG C 253 12.37 -12.82 -10.67
N VAL C 254 12.66 -13.94 -10.03
CA VAL C 254 11.73 -14.59 -9.13
C VAL C 254 11.70 -13.81 -7.81
N ASP C 255 10.50 -13.64 -7.25
CA ASP C 255 10.31 -12.88 -6.01
C ASP C 255 10.91 -13.63 -4.82
N ARG C 256 11.42 -12.90 -3.81
CA ARG C 256 12.11 -13.53 -2.69
C ARG C 256 11.17 -14.35 -1.79
N THR C 257 9.98 -13.79 -1.50
CA THR C 257 8.99 -14.46 -0.64
C THR C 257 8.14 -15.45 -1.44
N ASP C 258 7.42 -14.95 -2.44
CA ASP C 258 6.60 -15.79 -3.32
C ASP C 258 7.49 -16.45 -4.37
N LEU C 259 7.82 -17.72 -4.15
CA LEU C 259 8.67 -18.47 -5.09
C LEU C 259 7.93 -18.94 -6.36
N LYS C 260 6.61 -18.76 -6.41
CA LYS C 260 5.80 -19.03 -7.62
C LYS C 260 5.38 -17.76 -8.41
N LEU C 261 6.10 -16.67 -8.19
CA LEU C 261 5.85 -15.40 -8.87
C LEU C 261 7.15 -14.89 -9.49
N ALA C 262 7.09 -14.49 -10.76
CA ALA C 262 8.22 -13.84 -11.43
C ALA C 262 7.87 -12.38 -11.66
N ARG C 263 8.64 -11.47 -11.05
CA ARG C 263 8.46 -10.04 -11.27
C ARG C 263 9.29 -9.58 -12.47
N VAL C 264 8.60 -9.14 -13.53
CA VAL C 264 9.26 -8.49 -14.66
C VAL C 264 9.54 -7.05 -14.25
N SER C 265 10.79 -6.76 -13.92
CA SER C 265 11.18 -5.40 -13.48
C SER C 265 11.12 -4.40 -14.63
N GLU C 266 11.46 -4.85 -15.84
CA GLU C 266 11.53 -3.97 -17.01
C GLU C 266 11.31 -4.72 -18.35
N LEU C 267 10.26 -4.33 -19.08
CA LEU C 267 9.93 -4.90 -20.41
C LEU C 267 9.94 -3.76 -21.41
N ARG C 268 10.94 -3.73 -22.29
CA ARG C 268 11.03 -2.73 -23.34
C ARG C 268 10.88 -3.37 -24.72
N ALA C 269 9.80 -3.03 -25.43
CA ALA C 269 9.48 -3.60 -26.75
C ALA C 269 9.28 -2.49 -27.79
N VAL C 270 9.89 -2.65 -28.96
CA VAL C 270 9.83 -1.66 -30.04
C VAL C 270 8.75 -2.03 -31.06
N THR C 271 8.74 -3.29 -31.51
CA THR C 271 7.69 -3.80 -32.38
C THR C 271 6.67 -4.57 -31.56
N ALA C 272 5.49 -4.76 -32.14
CA ALA C 272 4.47 -5.63 -31.52
C ALA C 272 4.95 -7.09 -31.52
N ASP C 273 5.58 -7.52 -32.62
CA ASP C 273 6.21 -8.85 -32.70
C ASP C 273 7.11 -9.12 -31.49
N ALA C 274 7.90 -8.12 -31.09
CA ALA C 274 8.78 -8.24 -29.92
C ALA C 274 7.98 -8.42 -28.62
N HIS C 275 6.99 -7.56 -28.43
CA HIS C 275 6.11 -7.57 -27.24
C HIS C 275 5.47 -8.94 -27.05
N CYS C 276 4.84 -9.46 -28.10
CA CYS C 276 4.19 -10.78 -28.05
C CYS C 276 5.19 -11.92 -27.85
N ALA C 277 6.30 -11.88 -28.60
CA ALA C 277 7.35 -12.90 -28.48
C ALA C 277 7.96 -12.98 -27.08
N LEU C 278 8.09 -11.82 -26.44
CA LEU C 278 8.53 -11.75 -25.06
C LEU C 278 7.53 -12.33 -24.06
N TRP C 279 6.23 -12.09 -24.27
CA TRP C 279 5.18 -12.63 -23.38
C TRP C 279 4.95 -14.14 -23.53
N ARG C 280 5.05 -14.65 -24.75
CA ARG C 280 5.01 -16.10 -24.99
C ARG C 280 6.12 -16.80 -24.19
N ALA C 281 7.32 -16.24 -24.22
CA ALA C 281 8.45 -16.76 -23.46
C ALA C 281 8.23 -16.66 -21.95
N LEU C 282 7.71 -15.52 -21.50
CA LEU C 282 7.39 -15.32 -20.08
C LEU C 282 6.35 -16.33 -19.60
N ILE C 283 5.28 -16.49 -20.36
CA ILE C 283 4.26 -17.49 -20.06
C ILE C 283 4.80 -18.92 -20.22
N GLY C 284 5.88 -19.09 -20.99
CA GLY C 284 6.67 -20.32 -21.03
C GLY C 284 7.27 -20.82 -19.72
N LEU C 285 7.56 -19.91 -18.78
CA LEU C 285 8.15 -20.27 -17.46
C LEU C 285 7.29 -21.26 -16.65
N ASP C 286 7.63 -22.55 -16.72
CA ASP C 286 6.86 -23.61 -16.04
C ASP C 286 6.91 -23.47 -14.52
N SER C 287 8.08 -23.08 -13.99
CA SER C 287 8.29 -22.93 -12.54
C SER C 287 7.27 -22.02 -11.86
N MET C 288 6.86 -20.97 -12.55
CA MET C 288 6.01 -19.94 -11.97
C MET C 288 4.55 -20.27 -12.18
N GLU C 289 3.72 -19.79 -11.27
CA GLU C 289 2.27 -19.80 -11.41
C GLU C 289 1.78 -18.46 -11.92
N ARG C 290 2.39 -17.38 -11.44
CA ARG C 290 2.02 -16.02 -11.79
C ARG C 290 3.21 -15.25 -12.36
N ILE C 291 2.94 -14.37 -13.33
CA ILE C 291 3.90 -13.39 -13.85
C ILE C 291 3.30 -12.01 -13.61
N SER C 292 4.11 -11.09 -13.09
CA SER C 292 3.70 -9.72 -12.80
C SER C 292 4.65 -8.70 -13.42
N ILE C 293 4.10 -7.55 -13.80
CA ILE C 293 4.85 -6.46 -14.42
C ILE C 293 4.21 -5.11 -14.05
N ILE C 294 5.04 -4.07 -13.92
CA ILE C 294 4.54 -2.70 -13.77
C ILE C 294 4.65 -2.02 -15.13
N THR C 295 3.49 -1.82 -15.76
CA THR C 295 3.39 -1.35 -17.13
C THR C 295 2.39 -0.18 -17.19
N HIS C 296 1.84 0.09 -18.38
CA HIS C 296 1.00 1.27 -18.64
C HIS C 296 -0.44 0.85 -18.98
N PRO C 297 -1.42 1.78 -18.85
CA PRO C 297 -2.83 1.40 -19.02
C PRO C 297 -3.20 0.83 -20.38
N GLN C 298 -2.53 1.25 -21.44
CA GLN C 298 -2.86 0.79 -22.81
C GLN C 298 -1.98 -0.38 -23.27
N ASP C 299 -1.47 -1.19 -22.32
CA ASP C 299 -0.65 -2.35 -22.66
C ASP C 299 -1.52 -3.40 -23.35
N PRO C 300 -1.08 -3.94 -24.50
CA PRO C 300 -1.90 -4.90 -25.25
C PRO C 300 -1.85 -6.37 -24.79
N LEU C 301 -1.35 -6.67 -23.59
CA LEU C 301 -1.25 -8.04 -23.10
C LEU C 301 -2.60 -8.77 -22.92
N PRO C 302 -3.63 -8.11 -22.34
CA PRO C 302 -4.95 -8.76 -22.22
C PRO C 302 -5.52 -9.26 -23.54
N HIS C 303 -5.40 -8.44 -24.58
CA HIS C 303 -5.95 -8.73 -25.90
C HIS C 303 -5.16 -9.82 -26.64
N LEU C 304 -3.88 -9.97 -26.28
CA LEU C 304 -3.05 -11.11 -26.72
C LEU C 304 -3.52 -12.49 -26.25
N LEU C 305 -4.27 -12.53 -25.15
CA LEU C 305 -4.77 -13.79 -24.56
C LEU C 305 -6.24 -14.02 -24.90
N THR C 306 -6.62 -15.30 -24.94
CA THR C 306 -8.01 -15.72 -25.19
C THR C 306 -8.99 -15.29 -24.08
N ASP C 307 -8.44 -15.13 -22.87
CA ASP C 307 -9.14 -14.60 -21.71
C ASP C 307 -8.47 -13.26 -21.35
N THR C 308 -9.13 -12.14 -21.63
CA THR C 308 -8.60 -10.82 -21.23
C THR C 308 -8.55 -10.68 -19.71
N ARG C 309 -9.45 -11.38 -19.02
CA ARG C 309 -9.56 -11.31 -17.57
C ARG C 309 -8.39 -11.98 -16.82
N LEU C 310 -7.64 -12.86 -17.51
CA LEU C 310 -6.47 -13.50 -16.91
C LEU C 310 -5.32 -12.53 -16.59
N ALA C 311 -5.22 -11.44 -17.35
CA ALA C 311 -4.28 -10.36 -17.04
C ALA C 311 -4.93 -9.39 -16.05
N ARG C 312 -4.88 -9.75 -14.76
CA ARG C 312 -5.52 -8.95 -13.70
C ARG C 312 -4.71 -7.71 -13.39
N THR C 313 -5.35 -6.54 -13.51
CA THR C 313 -4.76 -5.28 -13.07
C THR C 313 -4.87 -5.22 -11.54
N THR C 314 -3.76 -5.59 -10.88
CA THR C 314 -3.70 -5.68 -9.43
C THR C 314 -3.57 -4.31 -8.77
N TRP C 315 -2.70 -3.45 -9.32
CA TRP C 315 -2.27 -2.21 -8.67
C TRP C 315 -2.23 -1.06 -9.69
N ARG C 316 -2.60 0.14 -9.25
CA ARG C 316 -2.60 1.35 -10.07
C ARG C 316 -2.00 2.50 -9.28
N GLN C 317 -1.15 3.30 -9.92
CA GLN C 317 -0.59 4.49 -9.30
C GLN C 317 -0.09 5.47 -10.36
N ASP C 318 -0.01 6.74 -9.99
CA ASP C 318 0.71 7.74 -10.78
C ASP C 318 2.21 7.45 -10.85
N GLY C 319 2.83 7.78 -11.98
CA GLY C 319 4.25 7.51 -12.24
C GLY C 319 5.11 8.76 -12.25
N LEU C 320 5.30 9.35 -13.43
CA LEU C 320 6.09 10.57 -13.57
C LEU C 320 5.20 11.78 -13.34
N TRP C 321 5.70 12.75 -12.59
CA TRP C 321 5.00 14.02 -12.36
C TRP C 321 5.73 15.11 -13.12
N LEU C 322 4.97 16.04 -13.70
CA LEU C 322 5.51 17.14 -14.50
C LEU C 322 5.13 18.51 -13.99
N ARG C 323 6.12 19.39 -13.89
CA ARG C 323 5.93 20.85 -13.77
C ARG C 323 6.46 21.50 -15.04
N ILE C 324 5.57 22.15 -15.80
CA ILE C 324 5.99 22.94 -16.94
C ILE C 324 6.55 24.24 -16.40
N MET C 325 7.83 24.47 -16.67
CA MET C 325 8.54 25.66 -16.23
C MET C 325 8.22 26.82 -17.18
N ASN C 326 8.40 26.57 -18.47
CA ASN C 326 8.12 27.55 -19.55
C ASN C 326 6.92 27.06 -20.36
N VAL C 327 5.77 27.70 -20.14
CA VAL C 327 4.49 27.31 -20.75
C VAL C 327 4.52 27.38 -22.30
N PRO C 328 4.88 28.55 -22.88
CA PRO C 328 4.93 28.60 -24.34
C PRO C 328 5.96 27.65 -24.94
N ALA C 329 7.15 27.57 -24.38
CA ALA C 329 8.22 26.69 -24.88
C ALA C 329 7.78 25.21 -24.91
N ALA C 330 7.07 24.79 -23.87
CA ALA C 330 6.59 23.42 -23.74
C ALA C 330 5.46 23.12 -24.73
N LEU C 331 4.48 24.01 -24.83
CA LEU C 331 3.37 23.78 -25.73
C LEU C 331 3.78 23.78 -27.21
N GLU C 332 4.67 24.70 -27.62
CA GLU C 332 5.14 24.78 -29.02
C GLU C 332 6.06 23.63 -29.42
N ALA C 333 6.87 23.12 -28.48
CA ALA C 333 7.75 21.99 -28.75
C ALA C 333 7.02 20.64 -28.91
N ARG C 334 5.81 20.56 -28.34
CA ARG C 334 5.01 19.34 -28.37
C ARG C 334 4.35 19.14 -29.72
N GLY C 335 4.14 17.88 -30.10
CA GLY C 335 3.31 17.52 -31.24
C GLY C 335 1.88 17.28 -30.81
N TYR C 336 0.92 17.57 -31.69
CA TYR C 336 -0.52 17.39 -31.40
C TYR C 336 -1.20 16.51 -32.45
N ALA C 337 -2.48 16.22 -32.23
CA ALA C 337 -3.26 15.39 -33.12
C ALA C 337 -3.60 16.11 -34.43
N HIS C 338 -3.31 15.47 -35.56
CA HIS C 338 -3.67 15.99 -36.90
C HIS C 338 -5.18 15.93 -37.14
N GLU C 339 -5.84 14.97 -36.50
CA GLU C 339 -7.26 14.71 -36.71
C GLU C 339 -8.14 15.92 -36.39
N VAL C 340 -7.78 16.65 -35.34
CA VAL C 340 -8.57 17.83 -34.92
C VAL C 340 -8.35 19.03 -35.87
N GLY C 341 -9.46 19.65 -36.27
CA GLY C 341 -9.43 20.85 -37.09
C GLY C 341 -8.93 22.04 -36.31
N GLU C 342 -8.38 23.02 -37.02
CA GLU C 342 -7.72 24.19 -36.42
C GLU C 342 -8.63 24.97 -35.48
N PHE C 343 -8.09 25.35 -34.32
CA PHE C 343 -8.79 26.20 -33.34
C PHE C 343 -7.84 27.12 -32.57
N SER C 344 -8.36 28.27 -32.15
CA SER C 344 -7.59 29.31 -31.46
C SER C 344 -8.29 29.73 -30.18
N THR C 345 -7.53 29.85 -29.10
CA THR C 345 -8.07 30.18 -27.79
C THR C 345 -7.08 30.98 -26.95
N VAL C 346 -7.51 31.38 -25.76
CA VAL C 346 -6.66 32.10 -24.80
C VAL C 346 -6.58 31.30 -23.50
N LEU C 347 -5.37 30.85 -23.17
CA LEU C 347 -5.09 30.00 -21.99
C LEU C 347 -4.36 30.77 -20.89
N GLU C 348 -4.91 30.75 -19.68
CA GLU C 348 -4.22 31.28 -18.49
C GLU C 348 -3.82 30.17 -17.53
N VAL C 349 -2.56 30.22 -17.08
CA VAL C 349 -2.08 29.43 -15.96
C VAL C 349 -2.13 30.36 -14.75
N SER C 350 -2.56 29.81 -13.60
CA SER C 350 -2.89 30.61 -12.40
C SER C 350 -1.87 31.69 -12.04
N ASP C 351 -0.62 31.27 -11.82
CA ASP C 351 0.49 32.20 -11.59
C ASP C 351 1.62 31.85 -12.57
N GLY C 352 1.26 31.78 -13.85
CA GLY C 352 2.20 31.45 -14.92
C GLY C 352 1.93 32.05 -16.29
N GLY C 353 1.30 33.23 -16.31
CA GLY C 353 1.06 33.98 -17.55
C GLY C 353 -0.24 33.66 -18.26
N ARG C 354 -0.56 34.49 -19.26
CA ARG C 354 -1.69 34.28 -20.16
C ARG C 354 -1.19 34.27 -21.59
N PHE C 355 -1.72 33.34 -22.40
CA PHE C 355 -1.20 33.10 -23.76
C PHE C 355 -2.29 32.88 -24.79
N ALA C 356 -2.07 33.42 -25.98
CA ALA C 356 -2.89 33.11 -27.14
C ALA C 356 -2.44 31.76 -27.68
N LEU C 357 -3.32 30.77 -27.58
CA LEU C 357 -3.02 29.40 -28.00
C LEU C 357 -3.71 29.08 -29.32
N LYS C 358 -2.92 29.02 -30.39
CA LYS C 358 -3.40 28.63 -31.73
C LYS C 358 -2.88 27.20 -32.00
N ILE C 359 -3.80 26.25 -32.17
CA ILE C 359 -3.44 24.85 -32.48
C ILE C 359 -4.06 24.44 -33.80
N GLY C 360 -3.26 23.78 -34.65
CA GLY C 360 -3.74 23.29 -35.93
C GLY C 360 -2.64 22.52 -36.64
N ASP C 361 -3.03 21.56 -37.48
CA ASP C 361 -2.07 20.78 -38.27
C ASP C 361 -0.98 20.09 -37.40
N GLY C 362 -1.37 19.65 -36.21
CA GLY C 362 -0.43 19.00 -35.27
C GLY C 362 0.70 19.88 -34.76
N ARG C 363 0.43 21.18 -34.67
CA ARG C 363 1.38 22.16 -34.12
C ARG C 363 0.61 23.21 -33.32
N ALA C 364 1.35 23.89 -32.46
CA ALA C 364 0.79 24.96 -31.62
C ALA C 364 1.69 26.21 -31.69
N ARG C 365 1.05 27.38 -31.77
CA ARG C 365 1.70 28.67 -31.50
C ARG C 365 1.18 29.15 -30.15
N CYS C 366 2.09 29.62 -29.31
CA CYS C 366 1.75 30.09 -27.98
C CYS C 366 2.46 31.43 -27.75
N THR C 367 1.70 32.52 -27.76
CA THR C 367 2.25 33.88 -27.72
C THR C 367 1.55 34.74 -26.66
N PRO C 368 2.26 35.76 -26.10
CA PRO C 368 1.70 36.55 -24.99
C PRO C 368 0.44 37.34 -25.35
N THR C 369 -0.41 37.58 -24.36
CA THR C 369 -1.63 38.36 -24.56
C THR C 369 -2.25 38.85 -23.24
N ASP C 370 -3.04 39.91 -23.35
CA ASP C 370 -3.83 40.43 -22.23
C ASP C 370 -5.32 40.19 -22.46
N ALA C 371 -5.68 39.49 -23.54
CA ALA C 371 -7.07 39.32 -23.94
C ALA C 371 -7.83 38.39 -23.00
N ALA C 372 -9.16 38.55 -22.96
CA ALA C 372 -10.03 37.76 -22.07
C ALA C 372 -9.70 36.27 -22.13
N ALA C 373 -9.55 35.64 -20.97
CA ALA C 373 -9.18 34.23 -20.88
C ALA C 373 -10.38 33.35 -21.16
N GLU C 374 -10.17 32.30 -21.97
CA GLU C 374 -11.20 31.29 -22.26
C GLU C 374 -11.02 30.00 -21.43
N ILE C 375 -9.77 29.66 -21.12
CA ILE C 375 -9.44 28.49 -20.29
C ILE C 375 -8.52 28.93 -19.16
N GLU C 376 -8.78 28.44 -17.95
CA GLU C 376 -7.95 28.72 -16.78
C GLU C 376 -7.63 27.43 -16.04
N MET C 377 -6.40 27.30 -15.54
CA MET C 377 -5.99 26.14 -14.74
C MET C 377 -4.74 26.42 -13.92
N ASP C 378 -4.53 25.64 -12.86
CA ASP C 378 -3.25 25.69 -12.10
C ASP C 378 -2.13 25.05 -12.93
N ARG C 379 -0.89 25.36 -12.59
CA ARG C 379 0.29 24.90 -13.32
C ARG C 379 0.43 23.37 -13.39
N ASP C 380 0.03 22.69 -12.31
CA ASP C 380 0.08 21.22 -12.27
C ASP C 380 -0.92 20.56 -13.22
N VAL C 381 -2.06 21.20 -13.44
CA VAL C 381 -3.11 20.65 -14.30
C VAL C 381 -2.57 20.48 -15.71
N LEU C 382 -1.77 21.44 -16.16
CA LEU C 382 -1.15 21.39 -17.49
C LEU C 382 -0.11 20.27 -17.57
N GLY C 383 0.63 20.05 -16.49
CA GLY C 383 1.55 18.93 -16.38
C GLY C 383 0.88 17.60 -16.66
N SER C 384 -0.32 17.42 -16.10
CA SER C 384 -1.07 16.18 -16.27
C SER C 384 -1.65 16.01 -17.68
N LEU C 385 -2.02 17.12 -18.30
CA LEU C 385 -2.45 17.11 -19.69
C LEU C 385 -1.31 16.82 -20.67
N TYR C 386 -0.12 17.30 -20.33
CA TYR C 386 0.99 17.41 -21.30
C TYR C 386 1.34 16.13 -22.07
N LEU C 387 1.61 15.04 -21.37
CA LEU C 387 1.90 13.75 -22.02
C LEU C 387 0.67 13.05 -22.59
N GLY C 388 -0.53 13.47 -22.19
CA GLY C 388 -1.79 13.00 -22.79
C GLY C 388 -2.50 11.88 -22.05
N ALA C 389 -2.08 11.60 -20.81
CA ALA C 389 -2.67 10.53 -20.01
C ALA C 389 -4.05 10.89 -19.51
N HIS C 390 -4.17 12.08 -18.94
CA HIS C 390 -5.44 12.56 -18.39
C HIS C 390 -6.14 13.47 -19.40
N ARG C 391 -7.42 13.19 -19.64
CA ARG C 391 -8.23 13.99 -20.55
C ARG C 391 -8.63 15.29 -19.85
N ALA C 392 -8.68 16.38 -20.61
CA ALA C 392 -9.15 17.68 -20.12
C ALA C 392 -10.62 17.68 -19.67
N SER C 393 -11.43 16.79 -20.26
CA SER C 393 -12.83 16.57 -19.83
C SER C 393 -12.89 16.08 -18.39
N THR C 394 -12.04 15.12 -18.05
CA THR C 394 -11.98 14.54 -16.71
C THR C 394 -11.54 15.57 -15.67
N LEU C 395 -10.57 16.42 -16.04
CA LEU C 395 -10.11 17.47 -15.14
C LEU C 395 -11.13 18.58 -15.01
N ALA C 396 -11.80 18.91 -16.11
CA ALA C 396 -12.89 19.90 -16.12
C ALA C 396 -14.08 19.48 -15.26
N ALA C 397 -14.38 18.18 -15.25
CA ALA C 397 -15.47 17.63 -14.42
C ALA C 397 -15.20 17.76 -12.92
N ALA C 398 -13.92 17.79 -12.55
CA ALA C 398 -13.48 18.08 -11.18
C ALA C 398 -13.12 19.56 -10.95
N ASN C 399 -13.40 20.39 -11.96
CA ASN C 399 -13.21 21.85 -11.92
C ASN C 399 -11.74 22.31 -11.76
N ARG C 400 -10.80 21.44 -12.16
CA ARG C 400 -9.38 21.76 -12.09
C ARG C 400 -8.97 22.66 -13.24
N LEU C 401 -9.73 22.59 -14.35
CA LEU C 401 -9.65 23.59 -15.40
C LEU C 401 -11.04 24.11 -15.75
N ARG C 402 -11.21 25.43 -15.67
CA ARG C 402 -12.48 26.09 -15.95
C ARG C 402 -12.53 26.57 -17.41
N THR C 403 -13.68 26.37 -18.04
CA THR C 403 -13.99 26.98 -19.35
C THR C 403 -15.51 26.94 -19.58
N LYS C 404 -16.04 27.99 -20.20
CA LYS C 404 -17.48 28.06 -20.48
C LYS C 404 -17.85 27.51 -21.88
N ASP C 405 -16.85 27.25 -22.72
CA ASP C 405 -17.08 26.67 -24.06
C ASP C 405 -16.80 25.15 -24.03
N SER C 406 -17.86 24.35 -24.21
CA SER C 406 -17.75 22.87 -24.19
C SER C 406 -17.11 22.28 -25.46
N GLN C 407 -17.30 22.95 -26.60
CA GLN C 407 -16.64 22.56 -27.85
C GLN C 407 -15.11 22.68 -27.76
N LEU C 408 -14.64 23.75 -27.12
CA LEU C 408 -13.23 23.95 -26.83
C LEU C 408 -12.67 22.87 -25.91
N LEU C 409 -13.50 22.38 -25.00
CA LEU C 409 -13.16 21.27 -24.11
C LEU C 409 -12.91 19.99 -24.92
N ARG C 410 -13.84 19.67 -25.81
CA ARG C 410 -13.71 18.51 -26.71
C ARG C 410 -12.46 18.60 -27.59
N ARG C 411 -12.21 19.78 -28.14
CA ARG C 411 -11.05 20.02 -28.99
C ARG C 411 -9.71 19.85 -28.26
N LEU C 412 -9.68 20.25 -26.99
CA LEU C 412 -8.50 20.05 -26.14
C LEU C 412 -8.20 18.58 -25.93
N ASP C 413 -9.22 17.80 -25.59
CA ASP C 413 -9.08 16.34 -25.44
C ASP C 413 -8.42 15.73 -26.67
N ALA C 414 -9.00 16.03 -27.83
CA ALA C 414 -8.55 15.48 -29.10
C ALA C 414 -7.12 15.92 -29.47
N ALA C 415 -6.83 17.20 -29.27
CA ALA C 415 -5.52 17.75 -29.60
C ALA C 415 -4.42 17.22 -28.70
N PHE C 416 -4.64 17.24 -27.39
CA PHE C 416 -3.62 16.84 -26.41
C PHE C 416 -3.42 15.33 -26.33
N ALA C 417 -4.38 14.53 -26.79
CA ALA C 417 -4.21 13.07 -26.84
C ALA C 417 -2.94 12.69 -27.63
N SER C 418 -2.15 11.77 -27.07
CA SER C 418 -0.94 11.29 -27.72
C SER C 418 -1.27 10.11 -28.63
N ASP C 419 -0.76 10.15 -29.86
CA ASP C 419 -0.94 9.07 -30.82
C ASP C 419 -0.38 7.77 -30.23
N VAL C 420 0.92 7.76 -29.92
CA VAL C 420 1.59 6.63 -29.25
C VAL C 420 1.17 6.64 -27.76
N PRO C 421 0.89 5.46 -27.16
CA PRO C 421 0.50 5.46 -25.75
C PRO C 421 1.63 5.89 -24.81
N VAL C 422 1.26 6.50 -23.69
CA VAL C 422 2.21 7.10 -22.74
C VAL C 422 2.75 6.00 -21.82
N GLN C 423 4.07 5.97 -21.66
CA GLN C 423 4.74 4.98 -20.80
C GLN C 423 5.66 5.67 -19.79
N THR C 424 6.15 4.89 -18.82
CA THR C 424 7.00 5.39 -17.75
C THR C 424 8.39 4.78 -17.87
N ALA C 425 9.41 5.63 -17.98
CA ALA C 425 10.77 5.17 -18.31
C ALA C 425 11.43 4.44 -17.15
N PHE C 426 11.83 5.20 -16.12
CA PHE C 426 12.52 4.65 -14.97
C PHE C 426 12.47 5.63 -13.81
N GLU C 427 12.48 5.10 -12.59
CA GLU C 427 12.43 5.92 -11.39
C GLU C 427 13.77 6.62 -11.18
N PHE C 428 13.71 7.89 -10.77
CA PHE C 428 14.89 8.69 -10.42
C PHE C 428 14.61 9.55 -9.19
N PRO D 5 16.71 -9.08 23.57
CA PRO D 5 17.83 -8.34 23.03
C PRO D 5 19.26 -8.86 23.35
N ALA D 6 19.44 -9.85 24.23
CA ALA D 6 20.78 -10.36 24.57
C ALA D 6 20.81 -11.74 25.26
N LYS D 7 22.01 -12.33 25.26
CA LYS D 7 22.37 -13.61 25.93
C LYS D 7 21.42 -14.83 25.72
N LYS D 8 20.52 -15.07 26.66
CA LYS D 8 19.67 -16.27 26.65
C LYS D 8 18.39 -15.96 25.87
N ALA E 6 -27.27 -7.80 -8.91
CA ALA E 6 -26.85 -8.71 -10.02
C ALA E 6 -27.75 -9.93 -10.15
N LYS E 7 -28.02 -10.36 -11.39
CA LYS E 7 -28.64 -11.66 -11.66
C LYS E 7 -27.51 -12.69 -11.89
N LYS E 8 -27.78 -13.81 -12.58
CA LYS E 8 -26.80 -14.89 -12.78
C LYS E 8 -26.33 -15.51 -11.46
#